data_8GRH
#
_entry.id   8GRH
#
_cell.length_a   111.992
_cell.length_b   111.992
_cell.length_c   145.925
_cell.angle_alpha   90.000
_cell.angle_beta   90.000
_cell.angle_gamma   120.000
#
_symmetry.space_group_name_H-M   'P 31 2 1'
#
loop_
_entity.id
_entity.type
_entity.pdbx_description
1 polymer 'Human IDH3 alpha subunit'
2 polymer 'Isocitrate dehydrogenase [NAD] subunit gamma, mitochondrial'
3 non-polymer 'CITRIC ACID'
4 water water
#
loop_
_entity_poly.entity_id
_entity_poly.type
_entity_poly.pdbx_seq_one_letter_code
_entity_poly.pdbx_strand_id
1 'polypeptide(L)'
;TGGVQTVTLIPGDGIGPEISAAVMKIFDAAKAPIQWEERNVTAIQGPGGKWMIPSEAKESMDKNKMGLKGPLKTPIAAGH
PSMNLLLRKTFDLYANVRPCVSIEGYKTPYTDVNIVTIRENTEGEYSGIEHVIVDGVVASIKLITEGASKRIAEFAFEYA
RNNHRSNVTAVHKANIMRMSDGLFLQKCREVAESCKDIKFNEMYLDTVCLNMVQDPSQFDVLVMPNLYGDILSDLCAGLI
GGLGVTPSGNIGANGVAIFESVHGTAPDIAGKDMANPTALLLSAVMMLRHMGLFDHAARIEAACFATIKDGKSLTKDLGG
NAKCSDFTEEICRRVKDLD
;
A
2 'polypeptide(L)'
;FSEQTIPPSAKYGGRHTVTMIPGDGIGPELMLHVKSVFRHACVPVDFEEVHVSSNADEEDIRNAIMAIRRNRVALKGNIE
TNHNLPPSHKSRNNILRTSLDLYANVIHCKSLPGVVTRHKDIDILIVRENTEGEYSSLEHESVAGVVESLKIITKAKSLR
IAEYAFKLAQESGRKKVTAVHKANIMKLGDGLFLQCCREVAARYPQITFENMIVDNTTMQLVSRPQQFDVMVMPNLYGNI
VNNVCAGLVGGPGLVAGANYGHVYAVFETATRNTGKSIANKNIANPTATLLASCMMLDHLKLHSYATSIRKAVLASMDNE
NMHTPDIGGQGTTSEAIQDVIRHIRVINGRAVEA
;
B
#
# COMPACT_ATOMS: atom_id res chain seq x y z
N VAL A 4 17.22 12.61 36.11
CA VAL A 4 16.88 11.19 36.09
C VAL A 4 15.39 10.99 36.30
N GLN A 5 14.62 10.90 35.22
CA GLN A 5 13.18 10.74 35.31
C GLN A 5 12.79 9.27 35.19
N THR A 6 11.49 9.04 35.29
CA THR A 6 10.92 7.71 35.35
C THR A 6 10.09 7.45 34.10
N VAL A 7 10.11 6.21 33.63
CA VAL A 7 9.41 5.80 32.42
C VAL A 7 8.47 4.66 32.77
N THR A 8 7.16 4.91 32.65
CA THR A 8 6.16 3.85 32.80
C THR A 8 6.50 2.69 31.89
N LEU A 9 6.77 1.53 32.49
CA LEU A 9 7.11 0.35 31.71
C LEU A 9 5.93 -0.61 31.71
N ILE A 10 5.67 -1.22 30.55
CA ILE A 10 4.53 -2.11 30.39
C ILE A 10 5.01 -3.41 29.75
N PRO A 11 5.59 -4.32 30.53
CA PRO A 11 6.19 -5.53 29.92
C PRO A 11 5.25 -6.31 29.02
N GLY A 12 3.99 -6.49 29.42
CA GLY A 12 3.05 -7.23 28.59
C GLY A 12 3.41 -8.71 28.52
N ASP A 13 2.65 -9.42 27.70
CA ASP A 13 2.55 -10.87 27.83
C ASP A 13 3.60 -11.60 26.98
N GLY A 14 3.54 -12.93 27.05
CA GLY A 14 4.42 -13.83 26.31
C GLY A 14 5.90 -13.53 26.50
N ILE A 15 6.54 -13.05 25.42
CA ILE A 15 7.95 -12.65 25.51
C ILE A 15 8.10 -11.23 26.00
N GLY A 16 6.99 -10.55 26.29
CA GLY A 16 7.01 -9.22 26.85
C GLY A 16 8.05 -9.00 27.94
N PRO A 17 8.00 -9.82 29.01
CA PRO A 17 8.92 -9.59 30.15
C PRO A 17 10.39 -9.77 29.79
N GLU A 18 10.73 -10.85 29.09
CA GLU A 18 12.14 -11.13 28.80
C GLU A 18 12.79 -9.99 28.01
N ILE A 19 12.15 -9.54 26.94
CA ILE A 19 12.71 -8.43 26.16
C ILE A 19 12.60 -7.11 26.93
N SER A 20 11.66 -7.00 27.87
CA SER A 20 11.66 -5.84 28.74
C SER A 20 12.82 -5.89 29.72
N ALA A 21 13.21 -7.08 30.15
CA ALA A 21 14.41 -7.22 30.97
C ALA A 21 15.65 -6.85 30.18
N ALA A 22 15.74 -7.33 28.93
CA ALA A 22 16.91 -7.06 28.10
C ALA A 22 17.10 -5.57 27.86
N VAL A 23 16.01 -4.82 27.72
CA VAL A 23 16.11 -3.38 27.43
C VAL A 23 16.61 -2.63 28.66
N MET A 24 16.14 -3.02 29.85
CA MET A 24 16.59 -2.35 31.08
C MET A 24 18.05 -2.65 31.36
N LYS A 25 18.48 -3.90 31.16
CA LYS A 25 19.87 -4.29 31.32
C LYS A 25 20.80 -3.41 30.49
N ILE A 26 20.45 -3.24 29.21
CA ILE A 26 21.24 -2.41 28.31
C ILE A 26 21.09 -0.94 28.66
N PHE A 27 19.92 -0.55 29.16
CA PHE A 27 19.72 0.87 29.42
C PHE A 27 20.61 1.39 30.54
N ASP A 28 20.94 0.56 31.54
CA ASP A 28 21.85 1.13 32.52
C ASP A 28 23.29 0.67 32.31
N ALA A 29 23.49 -0.44 31.62
CA ALA A 29 24.82 -0.80 31.13
C ALA A 29 25.40 0.34 30.29
N ALA A 30 24.53 1.29 29.96
CA ALA A 30 24.82 2.41 29.10
C ALA A 30 24.61 3.76 29.78
N LYS A 31 24.52 3.80 31.12
CA LYS A 31 24.51 5.07 31.87
C LYS A 31 23.22 5.85 31.69
N ALA A 32 22.09 5.13 31.50
CA ALA A 32 20.98 5.98 31.07
C ALA A 32 20.17 6.51 32.26
N PRO A 33 19.94 7.82 32.34
CA PRO A 33 19.19 8.40 33.46
C PRO A 33 17.71 8.06 33.44
N ILE A 34 17.40 6.77 33.37
CA ILE A 34 16.04 6.26 33.23
C ILE A 34 15.85 5.14 34.26
N GLN A 35 14.83 5.27 35.10
CA GLN A 35 14.44 4.14 35.92
C GLN A 35 13.00 3.76 35.65
N TRP A 36 12.75 2.46 35.78
CA TRP A 36 11.58 1.81 35.22
C TRP A 36 10.52 1.62 36.30
N GLU A 37 9.30 2.07 36.02
CA GLU A 37 8.17 1.98 36.92
C GLU A 37 7.16 1.02 36.29
N GLU A 38 7.38 -0.28 36.49
CA GLU A 38 6.59 -1.31 35.83
C GLU A 38 5.11 -1.16 36.12
N ARG A 39 4.30 -1.56 35.15
CA ARG A 39 2.86 -1.39 35.29
C ARG A 39 2.13 -2.42 34.44
N ASN A 40 0.90 -2.70 34.86
CA ASN A 40 0.01 -3.64 34.20
C ASN A 40 -1.13 -2.85 33.58
N VAL A 41 -1.45 -3.16 32.34
CA VAL A 41 -2.53 -2.49 31.63
C VAL A 41 -3.52 -3.55 31.16
N THR A 42 -4.80 -3.27 31.33
CA THR A 42 -5.83 -4.29 31.22
C THR A 42 -7.18 -3.64 31.38
N ALA A 43 -8.16 -4.13 30.63
CA ALA A 43 -9.50 -3.56 30.66
C ALA A 43 -10.30 -4.10 31.85
N ILE A 44 -11.10 -3.23 32.47
CA ILE A 44 -11.84 -3.55 33.68
C ILE A 44 -13.14 -2.73 33.72
N GLN A 45 -14.00 -3.06 34.68
CA GLN A 45 -15.26 -2.33 34.95
C GLN A 45 -16.12 -2.11 33.71
N TRP A 51 -15.39 0.04 29.34
CA TRP A 51 -14.20 -0.45 30.02
C TRP A 51 -13.23 0.68 30.41
N MET A 52 -12.10 0.27 31.00
CA MET A 52 -11.11 1.19 31.54
C MET A 52 -9.75 0.51 31.49
N ILE A 53 -8.69 1.29 31.70
CA ILE A 53 -7.38 0.74 32.05
C ILE A 53 -7.14 1.10 33.52
N PRO A 54 -6.37 0.31 34.26
CA PRO A 54 -6.30 0.48 35.71
C PRO A 54 -5.87 1.88 36.14
N SER A 55 -6.31 2.26 37.34
CA SER A 55 -5.80 3.46 37.99
C SER A 55 -4.29 3.42 38.05
N GLU A 56 -3.75 2.27 38.44
CA GLU A 56 -2.32 1.99 38.43
C GLU A 56 -1.62 2.57 37.21
N ALA A 57 -2.22 2.42 36.03
CA ALA A 57 -1.54 2.75 34.79
C ALA A 57 -1.83 4.17 34.32
N LYS A 58 -3.07 4.62 34.41
CA LYS A 58 -3.43 5.95 33.90
C LYS A 58 -2.65 7.07 34.59
N GLU A 59 -2.30 6.89 35.87
CA GLU A 59 -1.64 7.98 36.60
C GLU A 59 -0.12 7.95 36.52
N SER A 60 0.50 6.77 36.39
CA SER A 60 1.92 6.73 36.03
C SER A 60 2.14 7.50 34.73
N MET A 61 1.37 7.16 33.69
CA MET A 61 1.53 7.79 32.38
C MET A 61 1.23 9.28 32.41
N ASP A 62 0.26 9.72 33.23
CA ASP A 62 -0.08 11.12 33.34
C ASP A 62 0.85 11.89 34.26
N LYS A 63 1.81 11.19 34.85
CA LYS A 63 2.86 11.74 35.69
C LYS A 63 4.22 11.69 35.03
N ASN A 64 4.56 10.55 34.41
CA ASN A 64 5.85 10.40 33.76
C ASN A 64 5.85 10.96 32.34
N LYS A 65 4.71 10.85 31.64
CA LYS A 65 4.44 11.27 30.26
C LYS A 65 5.03 10.30 29.24
N MET A 66 5.84 9.33 29.64
CA MET A 66 6.62 8.51 28.71
C MET A 66 6.48 7.05 29.10
N GLY A 67 5.96 6.24 28.19
CA GLY A 67 5.85 4.81 28.42
C GLY A 67 6.57 4.02 27.35
N LEU A 68 6.93 2.78 27.69
CA LEU A 68 7.44 1.84 26.71
C LEU A 68 6.66 0.55 26.89
N LYS A 69 6.13 0.02 25.79
CA LYS A 69 5.11 -1.02 25.87
C LYS A 69 5.52 -2.24 25.04
N GLY A 70 5.48 -3.41 25.66
CA GLY A 70 5.81 -4.64 24.97
C GLY A 70 4.58 -5.21 24.29
N PRO A 71 4.70 -6.43 23.75
CA PRO A 71 3.54 -7.08 23.14
C PRO A 71 2.45 -7.45 24.13
N LEU A 72 1.31 -6.77 24.06
CA LEU A 72 0.13 -7.17 24.79
C LEU A 72 -0.58 -8.31 24.07
N LYS A 73 -1.32 -9.11 24.84
CA LYS A 73 -2.09 -10.17 24.23
C LYS A 73 -3.53 -9.74 24.01
N THR A 74 -4.21 -10.50 23.15
CA THR A 74 -5.51 -10.13 22.62
C THR A 74 -6.62 -11.07 23.10
N PRO A 81 -13.37 -4.96 23.21
CA PRO A 81 -12.42 -3.91 23.59
C PRO A 81 -11.00 -4.18 23.06
N SER A 82 -10.42 -3.19 22.39
CA SER A 82 -9.06 -3.27 21.87
C SER A 82 -8.18 -2.29 22.64
N MET A 83 -7.10 -2.81 23.24
CA MET A 83 -6.23 -1.94 24.04
C MET A 83 -5.45 -0.99 23.15
N ASN A 84 -5.09 -1.44 21.95
CA ASN A 84 -4.72 -0.51 20.89
C ASN A 84 -5.67 0.68 20.85
N LEU A 85 -6.97 0.40 20.78
CA LEU A 85 -7.98 1.46 20.69
C LEU A 85 -8.20 2.15 22.03
N LEU A 86 -8.05 1.41 23.14
CA LEU A 86 -8.23 1.98 24.47
C LEU A 86 -7.16 3.01 24.79
N LEU A 87 -5.89 2.63 24.64
CA LEU A 87 -4.79 3.54 24.93
C LEU A 87 -4.84 4.77 24.04
N ARG A 88 -5.30 4.61 22.79
CA ARG A 88 -5.44 5.76 21.91
C ARG A 88 -6.48 6.74 22.45
N LYS A 89 -7.65 6.24 22.80
CA LYS A 89 -8.71 7.11 23.30
C LYS A 89 -8.45 7.56 24.74
N THR A 90 -7.68 6.79 25.52
CA THR A 90 -7.42 7.19 26.90
C THR A 90 -6.38 8.30 26.98
N PHE A 91 -5.41 8.33 26.06
CA PHE A 91 -4.35 9.33 26.06
C PHE A 91 -4.38 10.24 24.84
N ASP A 92 -5.40 10.13 23.99
CA ASP A 92 -5.51 10.92 22.76
C ASP A 92 -4.27 10.75 21.89
N LEU A 93 -3.90 9.49 21.65
CA LEU A 93 -2.78 9.15 20.77
C LEU A 93 -3.18 9.46 19.34
N TYR A 94 -2.74 10.60 18.83
CA TYR A 94 -3.18 11.12 17.55
C TYR A 94 -2.16 10.96 16.43
N ALA A 95 -0.93 10.54 16.71
CA ALA A 95 0.10 10.47 15.68
C ALA A 95 0.87 9.16 15.84
N ASN A 96 0.73 8.25 14.88
CA ASN A 96 1.56 7.06 14.85
C ASN A 96 2.81 7.31 14.01
N VAL A 97 3.98 7.03 14.60
CA VAL A 97 5.27 7.27 13.95
C VAL A 97 5.99 5.94 13.81
N ARG A 98 6.41 5.63 12.58
CA ARG A 98 7.23 4.44 12.33
C ARG A 98 8.41 4.80 11.45
N PRO A 99 9.62 4.91 12.02
CA PRO A 99 10.82 5.10 11.20
C PRO A 99 11.40 3.78 10.75
N CYS A 100 11.43 3.54 9.44
CA CYS A 100 12.02 2.32 8.88
C CYS A 100 13.36 2.63 8.26
N VAL A 101 14.39 1.91 8.71
CA VAL A 101 15.76 2.08 8.21
C VAL A 101 16.30 0.70 7.89
N SER A 102 16.88 0.54 6.70
CA SER A 102 17.54 -0.71 6.39
C SER A 102 18.58 -0.99 7.47
N ILE A 103 18.78 -2.26 7.77
CA ILE A 103 19.66 -2.67 8.87
C ILE A 103 20.78 -3.51 8.29
N GLU A 104 22.02 -3.05 8.45
CA GLU A 104 23.15 -3.81 7.92
C GLU A 104 23.35 -5.08 8.73
N GLY A 105 23.48 -6.20 8.01
CA GLY A 105 23.57 -7.49 8.66
C GLY A 105 22.30 -8.30 8.49
N TYR A 106 21.14 -7.67 8.70
CA TYR A 106 19.85 -8.29 8.45
C TYR A 106 19.37 -7.82 7.08
N LYS A 107 19.72 -8.58 6.05
CA LYS A 107 19.61 -8.09 4.68
C LYS A 107 18.38 -8.67 3.99
N THR A 108 17.59 -7.76 3.42
CA THR A 108 16.42 -8.00 2.60
C THR A 108 16.77 -7.61 1.17
N PRO A 109 15.88 -7.84 0.19
CA PRO A 109 16.12 -7.30 -1.14
C PRO A 109 16.10 -5.77 -1.22
N TYR A 110 15.88 -5.05 -0.12
CA TYR A 110 15.83 -3.59 -0.14
C TYR A 110 16.86 -3.05 0.84
N THR A 111 17.83 -2.28 0.32
CA THR A 111 19.02 -1.91 1.10
C THR A 111 19.10 -0.44 1.46
N ASP A 112 18.31 0.42 0.82
CA ASP A 112 18.54 1.86 0.88
C ASP A 112 17.40 2.58 1.57
N VAL A 113 16.65 1.87 2.42
CA VAL A 113 15.41 2.38 2.96
C VAL A 113 15.72 3.34 4.11
N ASN A 114 15.06 4.50 4.10
CA ASN A 114 15.08 5.38 5.27
C ASN A 114 13.86 6.28 5.29
N ILE A 115 12.71 5.70 5.56
CA ILE A 115 11.44 6.40 5.54
C ILE A 115 10.90 6.53 6.94
N VAL A 116 10.21 7.63 7.20
CA VAL A 116 9.41 7.80 8.41
C VAL A 116 7.96 7.94 7.95
N THR A 117 7.11 6.98 8.31
CA THR A 117 5.68 7.12 8.08
C THR A 117 5.04 7.75 9.30
N ILE A 118 4.16 8.71 9.06
CA ILE A 118 3.49 9.45 10.11
C ILE A 118 1.99 9.30 9.88
N ARG A 119 1.32 8.49 10.67
CA ARG A 119 -0.09 8.16 10.42
C ARG A 119 -1.05 8.95 11.30
N GLU A 120 -2.07 9.56 10.73
CA GLU A 120 -3.09 10.21 11.56
C GLU A 120 -3.71 9.03 12.29
N ASN A 121 -3.97 9.13 13.59
CA ASN A 121 -4.41 7.91 14.30
C ASN A 121 -5.74 8.08 15.03
N THR A 122 -6.54 9.09 14.70
CA THR A 122 -7.78 9.24 15.47
C THR A 122 -9.03 9.03 14.62
N GLU A 123 -9.18 9.80 13.55
CA GLU A 123 -10.41 9.67 12.73
C GLU A 123 -10.10 8.89 11.46
N GLY A 124 -10.51 9.43 10.32
CA GLY A 124 -10.27 8.77 9.04
C GLY A 124 -11.20 7.60 8.82
N GLU A 125 -10.69 6.56 8.20
CA GLU A 125 -11.49 5.39 7.89
C GLU A 125 -11.82 4.56 9.12
N TYR A 126 -11.09 4.75 10.22
CA TYR A 126 -11.35 4.08 11.50
C TYR A 126 -12.18 4.97 12.40
N SER A 127 -13.26 5.52 11.85
CA SER A 127 -14.17 6.35 12.62
C SER A 127 -15.12 5.54 13.49
N GLY A 128 -15.22 4.24 13.28
CA GLY A 128 -16.17 3.43 14.04
C GLY A 128 -17.62 3.58 13.64
N ILE A 129 -17.92 4.39 12.63
CA ILE A 129 -19.29 4.57 12.16
C ILE A 129 -19.51 3.65 10.98
N GLU A 130 -20.42 2.70 11.13
CA GLU A 130 -20.94 1.92 10.02
C GLU A 130 -22.44 1.79 10.16
N HIS A 131 -23.18 1.90 9.06
CA HIS A 131 -24.62 1.65 9.10
C HIS A 131 -24.98 0.56 8.11
N VAL A 132 -25.90 -0.30 8.52
CA VAL A 132 -26.61 -1.17 7.58
C VAL A 132 -27.71 -0.30 6.98
N ILE A 133 -27.52 0.15 5.73
CA ILE A 133 -28.51 1.01 5.08
C ILE A 133 -29.80 0.23 4.82
N VAL A 134 -29.67 -0.97 4.22
CA VAL A 134 -30.74 -1.96 4.14
C VAL A 134 -30.09 -3.32 4.10
N ASP A 135 -30.90 -4.35 3.96
CA ASP A 135 -30.37 -5.71 3.89
C ASP A 135 -29.39 -5.83 2.73
N GLY A 136 -28.13 -6.15 3.07
CA GLY A 136 -27.10 -6.37 2.07
C GLY A 136 -26.43 -5.13 1.55
N VAL A 137 -26.54 -4.00 2.25
CA VAL A 137 -25.99 -2.71 1.83
C VAL A 137 -25.43 -2.00 3.05
N VAL A 138 -24.11 -1.91 3.14
CA VAL A 138 -23.42 -1.29 4.25
C VAL A 138 -22.72 -0.01 3.78
N ALA A 139 -22.86 1.06 4.59
CA ALA A 139 -22.13 2.30 4.41
C ALA A 139 -21.18 2.49 5.59
N SER A 140 -19.86 2.37 5.36
CA SER A 140 -18.87 2.70 6.38
C SER A 140 -18.41 4.14 6.15
N ILE A 141 -18.34 4.91 7.21
CA ILE A 141 -18.16 6.36 7.11
C ILE A 141 -16.73 6.71 7.42
N LYS A 142 -16.06 7.35 6.47
CA LYS A 142 -14.74 7.92 6.67
C LYS A 142 -14.91 9.36 7.11
N LEU A 143 -14.25 9.72 8.20
CA LEU A 143 -14.36 11.04 8.82
C LEU A 143 -13.04 11.77 8.67
N ILE A 144 -13.06 12.96 8.08
CA ILE A 144 -11.86 13.79 7.97
C ILE A 144 -12.22 15.18 8.46
N THR A 145 -11.42 15.71 9.38
CA THR A 145 -11.70 17.01 9.98
C THR A 145 -10.54 17.99 9.80
N GLU A 146 -10.90 19.26 9.67
CA GLU A 146 -9.95 20.37 9.75
C GLU A 146 -8.99 20.22 10.93
N GLY A 147 -9.54 20.10 12.13
CA GLY A 147 -8.76 19.96 13.35
C GLY A 147 -7.69 18.89 13.30
N ALA A 148 -8.09 17.63 13.09
CA ALA A 148 -7.15 16.53 13.16
C ALA A 148 -6.13 16.57 12.01
N SER A 149 -6.58 16.95 10.82
CA SER A 149 -5.66 16.98 9.69
C SER A 149 -4.57 18.02 9.91
N LYS A 150 -4.96 19.22 10.33
CA LYS A 150 -3.99 20.26 10.66
C LYS A 150 -3.00 19.77 11.71
N ARG A 151 -3.51 19.09 12.75
CA ARG A 151 -2.67 18.68 13.87
C ARG A 151 -1.63 17.65 13.46
N ILE A 152 -2.03 16.61 12.72
CA ILE A 152 -1.05 15.64 12.23
C ILE A 152 -0.09 16.28 11.21
N ALA A 153 -0.53 17.31 10.50
CA ALA A 153 0.41 17.98 9.60
C ALA A 153 1.43 18.79 10.38
N GLU A 154 0.97 19.58 11.36
CA GLU A 154 1.88 20.30 12.24
C GLU A 154 2.88 19.35 12.89
N PHE A 155 2.42 18.18 13.32
CA PHE A 155 3.34 17.21 13.92
C PHE A 155 4.32 16.68 12.89
N ALA A 156 3.87 16.49 11.64
CA ALA A 156 4.74 15.95 10.61
C ALA A 156 5.90 16.90 10.35
N PHE A 157 5.59 18.18 10.12
CA PHE A 157 6.61 19.19 9.87
C PHE A 157 7.49 19.42 11.10
N GLU A 158 6.90 19.42 12.30
CA GLU A 158 7.73 19.59 13.49
C GLU A 158 8.67 18.41 13.66
N TYR A 159 8.23 17.20 13.31
CA TYR A 159 9.11 16.04 13.41
C TYR A 159 10.24 16.14 12.40
N ALA A 160 9.95 16.70 11.24
CA ALA A 160 10.93 16.77 10.16
C ALA A 160 12.10 17.66 10.56
N ARG A 161 11.82 18.79 11.22
CA ARG A 161 12.89 19.69 11.66
C ARG A 161 13.69 19.09 12.81
N ASN A 162 13.01 18.75 13.90
CA ASN A 162 13.68 18.21 15.08
C ASN A 162 14.43 16.91 14.82
N ASN A 163 14.16 16.20 13.72
CA ASN A 163 14.90 15.00 13.36
C ASN A 163 15.70 15.18 12.07
N HIS A 164 15.87 16.42 11.62
CA HIS A 164 16.77 16.78 10.50
C HIS A 164 16.42 15.95 9.26
N ARG A 165 15.29 16.34 8.67
CA ARG A 165 14.64 15.63 7.58
C ARG A 165 14.35 16.64 6.48
N SER A 166 14.69 16.29 5.24
CA SER A 166 14.62 17.28 4.17
C SER A 166 13.23 17.40 3.57
N ASN A 167 12.53 16.28 3.34
CA ASN A 167 11.29 16.29 2.56
C ASN A 167 10.15 15.66 3.34
N VAL A 168 8.95 16.22 3.15
CA VAL A 168 7.72 15.66 3.69
C VAL A 168 6.71 15.54 2.54
N THR A 169 6.29 14.30 2.26
CA THR A 169 5.27 13.99 1.26
C THR A 169 3.92 13.72 1.93
N ALA A 170 2.88 14.44 1.48
CA ALA A 170 1.51 14.06 1.80
C ALA A 170 1.05 12.97 0.84
N VAL A 171 0.44 11.92 1.37
CA VAL A 171 -0.04 10.79 0.56
C VAL A 171 -1.56 10.74 0.61
N HIS A 172 -2.21 10.65 -0.56
CA HIS A 172 -3.65 10.83 -0.62
C HIS A 172 -4.24 10.11 -1.83
N LYS A 173 -5.57 10.19 -1.95
CA LYS A 173 -6.35 9.78 -3.11
C LYS A 173 -7.45 10.82 -3.36
N ALA A 174 -7.07 12.09 -3.35
CA ALA A 174 -8.03 13.17 -3.59
C ALA A 174 -8.58 13.20 -5.02
N ASN A 175 -8.07 12.36 -5.94
CA ASN A 175 -8.74 12.25 -7.23
C ASN A 175 -10.07 11.55 -7.08
N ILE A 176 -10.12 10.51 -6.25
CA ILE A 176 -11.32 9.71 -6.05
C ILE A 176 -12.16 10.23 -4.89
N MET A 177 -11.52 10.60 -3.78
CA MET A 177 -12.21 11.09 -2.59
C MET A 177 -11.90 12.57 -2.44
N ARG A 178 -12.61 13.41 -3.21
CA ARG A 178 -12.18 14.79 -3.38
C ARG A 178 -12.44 15.61 -2.13
N MET A 179 -13.65 15.51 -1.57
CA MET A 179 -13.98 16.36 -0.43
C MET A 179 -13.12 16.02 0.77
N SER A 180 -12.93 14.73 1.05
CA SER A 180 -12.31 14.31 2.30
C SER A 180 -10.78 14.34 2.21
N ASP A 181 -10.21 13.49 1.37
CA ASP A 181 -8.77 13.56 1.14
C ASP A 181 -8.34 14.95 0.70
N GLY A 182 -9.22 15.68 0.01
CA GLY A 182 -8.91 17.05 -0.34
C GLY A 182 -8.68 17.94 0.87
N LEU A 183 -9.56 17.85 1.87
CA LEU A 183 -9.38 18.72 3.02
C LEU A 183 -8.15 18.33 3.83
N PHE A 184 -7.88 17.02 3.95
CA PHE A 184 -6.61 16.59 4.50
C PHE A 184 -5.45 17.28 3.80
N LEU A 185 -5.46 17.23 2.46
CA LEU A 185 -4.43 17.88 1.67
C LEU A 185 -4.41 19.38 1.91
N GLN A 186 -5.58 20.01 1.95
CA GLN A 186 -5.66 21.46 2.15
C GLN A 186 -4.98 21.86 3.46
N LYS A 187 -5.07 21.03 4.50
CA LYS A 187 -4.40 21.37 5.75
C LYS A 187 -2.90 21.12 5.67
N CYS A 188 -2.47 20.09 4.94
CA CYS A 188 -1.04 19.89 4.70
C CYS A 188 -0.43 21.07 3.93
N ARG A 189 -1.17 21.63 2.98
CA ARG A 189 -0.63 22.74 2.19
C ARG A 189 -0.45 23.99 3.04
N GLU A 190 -1.45 24.32 3.86
CA GLU A 190 -1.37 25.53 4.67
C GLU A 190 -0.18 25.48 5.63
N VAL A 191 0.04 24.33 6.27
CA VAL A 191 1.19 24.18 7.15
C VAL A 191 2.50 24.32 6.35
N ALA A 192 2.54 23.75 5.15
CA ALA A 192 3.79 23.71 4.39
C ALA A 192 4.22 25.11 3.96
N GLU A 193 3.26 25.97 3.58
CA GLU A 193 3.61 27.35 3.24
C GLU A 193 4.11 28.12 4.46
N SER A 194 3.83 27.63 5.66
CA SER A 194 4.27 28.22 6.93
C SER A 194 5.50 27.51 7.48
N CYS A 195 6.24 26.80 6.63
CA CYS A 195 7.38 26.01 7.08
C CYS A 195 8.25 25.65 5.88
N LYS A 196 8.60 26.66 5.06
CA LYS A 196 9.35 26.40 3.83
C LYS A 196 10.73 25.80 4.08
N ASP A 197 11.19 25.76 5.33
CA ASP A 197 12.41 25.05 5.68
C ASP A 197 12.42 23.62 5.15
N ILE A 198 11.25 22.97 5.09
CA ILE A 198 11.12 21.56 4.75
C ILE A 198 10.38 21.44 3.43
N LYS A 199 10.93 20.61 2.53
CA LYS A 199 10.44 20.52 1.15
C LYS A 199 9.24 19.59 1.08
N PHE A 200 8.14 20.10 0.54
CA PHE A 200 6.83 19.46 0.60
C PHE A 200 6.37 19.05 -0.79
N ASN A 201 5.85 17.82 -0.91
CA ASN A 201 5.19 17.41 -2.14
C ASN A 201 3.98 16.55 -1.79
N GLU A 202 3.16 16.28 -2.81
CA GLU A 202 1.98 15.44 -2.72
C GLU A 202 2.13 14.29 -3.69
N MET A 203 1.46 13.17 -3.40
CA MET A 203 1.57 12.00 -4.25
C MET A 203 0.37 11.11 -3.95
N TYR A 204 -0.21 10.52 -4.99
CA TYR A 204 -1.30 9.56 -4.82
C TYR A 204 -0.80 8.31 -4.10
N LEU A 205 -1.68 7.72 -3.28
CA LEU A 205 -1.33 6.49 -2.57
C LEU A 205 -0.82 5.42 -3.53
N ASP A 206 -1.52 5.18 -4.65
CA ASP A 206 -1.09 4.11 -5.53
C ASP A 206 0.27 4.36 -6.15
N THR A 207 0.62 5.62 -6.43
CA THR A 207 1.95 5.91 -6.94
C THR A 207 3.01 5.66 -5.87
N VAL A 208 2.74 6.12 -4.64
CA VAL A 208 3.65 5.84 -3.53
C VAL A 208 3.87 4.34 -3.38
N CYS A 209 2.79 3.54 -3.50
CA CYS A 209 2.95 2.08 -3.41
C CYS A 209 3.74 1.54 -4.57
N LEU A 210 3.47 2.06 -5.76
CA LEU A 210 4.13 1.60 -6.95
C LEU A 210 5.63 1.89 -6.91
N ASN A 211 6.01 3.07 -6.42
CA ASN A 211 7.43 3.42 -6.42
C ASN A 211 8.17 2.85 -5.23
N MET A 212 7.47 2.63 -4.11
CA MET A 212 8.09 2.13 -2.89
C MET A 212 8.81 0.81 -3.10
N VAL A 213 8.17 -0.12 -3.82
CA VAL A 213 8.76 -1.45 -4.03
C VAL A 213 9.74 -1.46 -5.18
N GLN A 214 9.89 -0.33 -5.89
CA GLN A 214 10.89 -0.17 -6.95
C GLN A 214 12.12 0.58 -6.47
N ASP A 215 11.96 1.76 -5.87
CA ASP A 215 13.07 2.53 -5.33
C ASP A 215 12.65 3.21 -4.04
N PRO A 216 12.65 2.47 -2.92
CA PRO A 216 12.22 3.06 -1.64
C PRO A 216 13.07 4.24 -1.21
N SER A 217 14.29 4.37 -1.77
CA SER A 217 15.25 5.38 -1.33
C SER A 217 14.80 6.81 -1.62
N GLN A 218 13.82 6.98 -2.51
CA GLN A 218 13.37 8.31 -2.91
C GLN A 218 12.39 8.94 -1.92
N PHE A 219 12.08 8.26 -0.81
CA PHE A 219 11.06 8.74 0.12
C PHE A 219 11.69 9.12 1.45
N ASP A 220 11.17 10.20 2.04
CA ASP A 220 11.71 10.71 3.29
C ASP A 220 10.69 10.56 4.42
N VAL A 221 9.89 11.60 4.64
CA VAL A 221 8.81 11.58 5.64
C VAL A 221 7.48 11.51 4.91
N LEU A 222 6.72 10.46 5.17
CA LEU A 222 5.38 10.28 4.61
C LEU A 222 4.35 10.67 5.67
N VAL A 223 3.44 11.57 5.33
CA VAL A 223 2.31 11.92 6.20
C VAL A 223 1.02 11.62 5.45
N MET A 224 0.05 11.02 6.14
CA MET A 224 -1.15 10.53 5.46
C MET A 224 -2.21 10.19 6.51
N PRO A 225 -3.48 10.10 6.09
CA PRO A 225 -4.56 9.77 7.03
C PRO A 225 -4.55 8.28 7.39
N ASN A 226 -5.52 7.92 8.23
CA ASN A 226 -5.41 6.74 9.09
C ASN A 226 -5.20 5.44 8.31
N LEU A 227 -6.19 5.03 7.50
CA LEU A 227 -6.05 3.75 6.80
C LEU A 227 -4.83 3.70 5.88
N TYR A 228 -4.50 4.80 5.16
CA TYR A 228 -3.30 4.76 4.33
C TYR A 228 -2.05 4.58 5.19
N GLY A 229 -1.99 5.29 6.33
CA GLY A 229 -0.85 5.14 7.21
C GLY A 229 -0.73 3.75 7.80
N ASP A 230 -1.88 3.14 8.11
CA ASP A 230 -1.90 1.77 8.60
C ASP A 230 -1.27 0.82 7.60
N ILE A 231 -1.63 0.96 6.32
CA ILE A 231 -1.13 0.02 5.32
C ILE A 231 0.32 0.35 4.96
N LEU A 232 0.65 1.63 4.80
CA LEU A 232 1.99 1.94 4.31
C LEU A 232 3.05 1.59 5.35
N SER A 233 2.77 1.91 6.63
CA SER A 233 3.71 1.60 7.69
C SER A 233 4.05 0.12 7.72
N ASP A 234 3.08 -0.73 7.39
CA ASP A 234 3.36 -2.16 7.40
C ASP A 234 4.19 -2.56 6.18
N LEU A 235 3.86 -2.05 4.99
CA LEU A 235 4.66 -2.37 3.82
C LEU A 235 6.10 -1.89 3.99
N CYS A 236 6.29 -0.67 4.48
CA CYS A 236 7.66 -0.19 4.72
C CYS A 236 8.42 -1.14 5.64
N ALA A 237 7.85 -1.46 6.82
CA ALA A 237 8.50 -2.41 7.71
C ALA A 237 8.77 -3.74 7.01
N GLY A 238 7.90 -4.15 6.10
CA GLY A 238 8.19 -5.33 5.30
C GLY A 238 9.41 -5.14 4.41
N LEU A 239 9.78 -3.90 4.11
CA LEU A 239 10.96 -3.65 3.29
C LEU A 239 12.24 -3.81 4.08
N ILE A 240 12.21 -3.58 5.39
CA ILE A 240 13.43 -3.63 6.19
C ILE A 240 13.57 -4.91 6.98
N GLY A 241 12.56 -5.78 7.00
CA GLY A 241 12.75 -7.06 7.65
C GLY A 241 11.63 -7.62 8.51
N GLY A 242 10.68 -6.79 8.94
CA GLY A 242 9.49 -7.25 9.62
C GLY A 242 9.22 -6.45 10.87
N LEU A 243 8.16 -6.87 11.59
CA LEU A 243 7.84 -6.19 12.82
C LEU A 243 8.74 -6.59 13.97
N GLY A 244 9.50 -7.69 13.81
CA GLY A 244 10.50 -8.06 14.78
C GLY A 244 11.66 -7.09 14.91
N VAL A 245 11.82 -6.15 13.98
CA VAL A 245 12.95 -5.23 14.03
C VAL A 245 12.50 -3.78 13.94
N THR A 246 11.21 -3.51 14.13
CA THR A 246 10.64 -2.21 13.78
C THR A 246 10.27 -1.41 15.02
N PRO A 247 10.84 -0.23 15.20
CA PRO A 247 10.39 0.65 16.29
C PRO A 247 9.11 1.37 15.92
N SER A 248 8.36 1.75 16.95
CA SER A 248 7.11 2.48 16.75
C SER A 248 6.87 3.41 17.92
N GLY A 249 6.28 4.57 17.66
CA GLY A 249 5.89 5.48 18.72
C GLY A 249 4.52 6.06 18.46
N ASN A 250 3.85 6.46 19.54
CA ASN A 250 2.55 7.12 19.46
C ASN A 250 2.58 8.35 20.35
N ILE A 251 2.16 9.48 19.80
CA ILE A 251 2.25 10.76 20.51
C ILE A 251 0.84 11.24 20.84
N GLY A 252 0.65 11.73 22.07
CA GLY A 252 -0.66 12.10 22.54
C GLY A 252 -0.82 13.52 23.03
N ALA A 253 -1.91 13.77 23.76
CA ALA A 253 -2.24 15.10 24.27
C ALA A 253 -1.57 15.32 25.62
N ASN A 254 -1.25 16.58 25.90
CA ASN A 254 -0.54 16.97 27.12
C ASN A 254 0.84 16.28 27.20
N GLY A 255 1.51 16.16 26.05
CA GLY A 255 2.88 15.69 26.02
C GLY A 255 3.12 14.25 26.42
N VAL A 256 2.11 13.39 26.36
CA VAL A 256 2.33 11.96 26.60
C VAL A 256 2.80 11.32 25.30
N ALA A 257 3.59 10.26 25.43
CA ALA A 257 4.02 9.46 24.29
C ALA A 257 4.28 8.03 24.75
N ILE A 258 3.90 7.07 23.91
CA ILE A 258 4.07 5.65 24.22
C ILE A 258 4.80 5.01 23.05
N PHE A 259 5.90 4.33 23.34
CA PHE A 259 6.73 3.70 22.33
C PHE A 259 6.65 2.20 22.57
N GLU A 260 6.72 1.42 21.50
CA GLU A 260 6.15 0.10 21.65
C GLU A 260 6.74 -0.90 20.68
N SER A 261 6.65 -2.16 21.06
CA SER A 261 6.72 -3.26 20.12
C SER A 261 5.45 -3.27 19.26
N VAL A 262 5.54 -3.91 18.08
CA VAL A 262 4.33 -4.17 17.30
C VAL A 262 4.34 -5.58 16.72
N HIS A 263 5.30 -6.40 17.12
CA HIS A 263 5.23 -7.81 16.80
C HIS A 263 4.36 -8.53 17.83
N GLY A 264 4.16 -9.84 17.62
CA GLY A 264 3.32 -10.62 18.50
C GLY A 264 4.02 -10.99 19.81
N THR A 265 3.24 -11.61 20.70
CA THR A 265 3.81 -12.05 21.99
C THR A 265 4.66 -13.31 21.85
N ALA A 266 4.45 -14.09 20.79
CA ALA A 266 5.15 -15.36 20.59
C ALA A 266 5.04 -16.28 21.80
N PRO A 267 3.83 -16.63 22.24
CA PRO A 267 3.69 -17.39 23.49
C PRO A 267 4.36 -18.75 23.47
N ASP A 268 4.60 -19.32 22.28
CA ASP A 268 5.15 -20.68 22.19
C ASP A 268 6.62 -20.75 22.55
N ILE A 269 7.29 -19.62 22.76
CA ILE A 269 8.69 -19.63 23.18
C ILE A 269 8.85 -18.63 24.32
N ALA A 270 7.76 -18.42 25.07
CA ALA A 270 7.63 -17.24 25.91
C ALA A 270 8.74 -17.12 26.94
N GLY A 271 9.29 -18.24 27.41
CA GLY A 271 10.29 -18.17 28.46
C GLY A 271 11.48 -19.08 28.26
N LYS A 272 12.09 -19.05 27.08
CA LYS A 272 13.17 -19.97 26.76
C LYS A 272 14.45 -19.25 26.34
N ASP A 273 14.63 -17.99 26.77
CA ASP A 273 15.78 -17.17 26.37
C ASP A 273 15.99 -17.16 24.86
N MET A 274 14.92 -17.35 24.09
CA MET A 274 15.04 -17.50 22.64
C MET A 274 14.63 -16.25 21.86
N ALA A 275 13.95 -15.29 22.50
CA ALA A 275 13.36 -14.16 21.80
C ALA A 275 14.43 -13.21 21.25
N ASN A 276 13.96 -12.12 20.64
CA ASN A 276 14.82 -11.09 20.07
C ASN A 276 14.25 -9.74 20.49
N PRO A 277 14.96 -8.95 21.29
CA PRO A 277 14.42 -7.67 21.77
C PRO A 277 14.71 -6.46 20.90
N THR A 278 15.33 -6.65 19.72
CA THR A 278 15.69 -5.57 18.82
C THR A 278 14.60 -4.50 18.73
N ALA A 279 13.39 -4.91 18.37
CA ALA A 279 12.34 -3.94 18.04
C ALA A 279 12.00 -3.06 19.25
N LEU A 280 11.74 -3.69 20.41
CA LEU A 280 11.42 -2.87 21.58
C LEU A 280 12.61 -2.05 22.02
N LEU A 281 13.82 -2.62 21.94
CA LEU A 281 15.01 -1.82 22.23
C LEU A 281 15.13 -0.61 21.29
N LEU A 282 14.72 -0.76 20.02
CA LEU A 282 14.81 0.37 19.11
C LEU A 282 13.70 1.40 19.36
N SER A 283 12.53 0.95 19.85
CA SER A 283 11.52 1.91 20.27
C SER A 283 11.94 2.66 21.52
N ALA A 284 12.74 2.01 22.36
CA ALA A 284 13.33 2.68 23.52
C ALA A 284 14.31 3.75 23.09
N VAL A 285 15.21 3.40 22.17
CA VAL A 285 16.10 4.39 21.54
C VAL A 285 15.29 5.54 20.98
N MET A 286 14.25 5.19 20.24
CA MET A 286 13.38 6.23 19.68
C MET A 286 12.77 6.98 20.85
N MET A 287 12.58 6.29 21.96
CA MET A 287 12.01 6.95 23.15
C MET A 287 12.98 8.04 23.61
N LEU A 288 14.19 7.65 23.99
CA LEU A 288 15.18 8.63 24.48
C LEU A 288 15.22 9.82 23.53
N ARG A 289 15.48 9.57 22.25
CA ARG A 289 15.56 10.67 21.25
C ARG A 289 14.37 11.60 21.48
N HIS A 290 13.19 11.03 21.71
CA HIS A 290 11.99 11.90 21.90
C HIS A 290 12.21 12.85 23.08
N MET A 291 12.72 12.33 24.20
CA MET A 291 12.94 13.19 25.39
C MET A 291 14.07 14.16 25.05
N GLY A 292 15.26 13.58 25.02
CA GLY A 292 16.56 14.20 24.72
C GLY A 292 17.51 13.03 24.69
N LEU A 293 18.59 13.10 25.46
CA LEU A 293 19.53 11.95 25.62
C LEU A 293 19.90 11.32 24.28
N PHE A 294 20.31 12.14 23.30
CA PHE A 294 20.67 11.59 21.98
C PHE A 294 21.93 10.74 22.12
N ASP A 295 22.86 11.20 22.95
CA ASP A 295 24.14 10.50 23.20
C ASP A 295 23.84 9.04 23.54
N HIS A 296 22.98 8.83 24.53
CA HIS A 296 22.64 7.44 24.95
C HIS A 296 21.98 6.72 23.78
N ALA A 297 21.07 7.40 23.10
CA ALA A 297 20.36 6.79 21.95
C ALA A 297 21.39 6.32 20.92
N ALA A 298 22.24 7.24 20.49
CA ALA A 298 23.26 6.93 19.47
C ALA A 298 24.09 5.73 19.90
N ARG A 299 24.50 5.69 21.16
CA ARG A 299 25.34 4.56 21.64
C ARG A 299 24.54 3.27 21.61
N ILE A 300 23.43 3.22 22.33
CA ILE A 300 22.64 1.98 22.35
C ILE A 300 22.34 1.53 20.94
N GLU A 301 21.90 2.46 20.10
CA GLU A 301 21.54 2.14 18.72
C GLU A 301 22.75 1.61 17.96
N ALA A 302 23.89 2.31 18.05
CA ALA A 302 25.08 1.87 17.34
C ALA A 302 25.57 0.53 17.87
N ALA A 303 25.52 0.35 19.19
CA ALA A 303 25.91 -0.92 19.80
C ALA A 303 25.02 -2.05 19.32
N CYS A 304 23.72 -1.77 19.15
CA CYS A 304 22.81 -2.74 18.55
C CYS A 304 23.17 -3.02 17.09
N PHE A 305 23.27 -1.96 16.29
CA PHE A 305 23.54 -2.11 14.86
C PHE A 305 24.82 -2.87 14.61
N ALA A 306 25.83 -2.66 15.46
CA ALA A 306 27.08 -3.38 15.28
C ALA A 306 26.96 -4.84 15.72
N THR A 307 26.08 -5.14 16.68
CA THR A 307 25.91 -6.54 17.09
C THR A 307 25.31 -7.38 15.95
N ILE A 308 24.25 -6.88 15.32
CA ILE A 308 23.59 -7.61 14.25
C ILE A 308 24.52 -7.83 13.07
N LYS A 309 25.32 -6.81 12.70
CA LYS A 309 26.17 -6.99 11.53
C LYS A 309 27.35 -7.91 11.81
N ASP A 310 27.85 -7.97 13.04
CA ASP A 310 29.16 -8.61 13.24
C ASP A 310 29.07 -10.12 13.09
N GLY A 311 27.93 -10.72 13.39
CA GLY A 311 27.82 -12.12 13.05
C GLY A 311 26.97 -13.00 13.95
N LYS A 312 27.54 -14.14 14.36
CA LYS A 312 26.76 -15.26 14.88
C LYS A 312 26.24 -15.04 16.29
N SER A 313 26.43 -13.88 16.91
CA SER A 313 25.67 -13.53 18.11
C SER A 313 24.22 -13.16 17.78
N LEU A 314 23.60 -13.88 16.85
CA LEU A 314 22.29 -13.55 16.33
C LEU A 314 21.22 -14.45 16.94
N THR A 315 20.02 -13.89 17.10
CA THR A 315 18.83 -14.61 17.52
C THR A 315 18.52 -15.78 16.57
N LYS A 316 17.48 -16.54 16.86
CA LYS A 316 17.05 -17.57 15.92
C LYS A 316 16.10 -17.02 14.86
N ASP A 317 15.42 -15.90 15.13
CA ASP A 317 14.43 -15.36 14.21
C ASP A 317 15.00 -14.27 13.29
N LEU A 318 16.31 -14.08 13.25
CA LEU A 318 16.92 -13.04 12.44
C LEU A 318 17.88 -13.51 11.35
N GLY A 319 18.64 -14.60 11.50
CA GLY A 319 18.69 -15.48 12.65
C GLY A 319 19.93 -16.35 12.67
N GLY A 320 20.55 -16.44 13.84
CA GLY A 320 21.63 -17.36 14.08
C GLY A 320 21.21 -18.46 15.05
N ASN A 321 22.14 -18.91 15.88
CA ASN A 321 21.87 -19.95 16.88
C ASN A 321 22.45 -19.51 18.22
N ALA A 322 22.09 -18.31 18.63
CA ALA A 322 22.43 -17.77 19.94
C ALA A 322 21.16 -17.35 20.64
N LYS A 323 21.20 -17.35 21.95
CA LYS A 323 19.99 -17.06 22.72
C LYS A 323 19.95 -15.61 23.17
N CYS A 324 18.79 -15.19 23.69
CA CYS A 324 18.42 -13.78 23.71
C CYS A 324 19.38 -12.93 24.54
N SER A 325 19.89 -13.47 25.66
CA SER A 325 20.73 -12.64 26.52
C SER A 325 22.22 -12.77 26.21
N ASP A 326 22.62 -13.72 25.37
CA ASP A 326 23.90 -13.61 24.68
C ASP A 326 23.88 -12.40 23.75
N PHE A 327 22.86 -12.31 22.90
CA PHE A 327 22.62 -11.15 22.05
C PHE A 327 22.58 -9.88 22.89
N THR A 328 21.84 -9.91 24.00
CA THR A 328 21.70 -8.73 24.84
C THR A 328 23.01 -8.37 25.52
N GLU A 329 23.77 -9.37 25.97
CA GLU A 329 25.00 -9.09 26.70
C GLU A 329 26.07 -8.51 25.79
N GLU A 330 26.16 -8.97 24.53
CA GLU A 330 27.11 -8.32 23.62
C GLU A 330 26.76 -6.86 23.42
N ILE A 331 25.48 -6.53 23.39
CA ILE A 331 25.11 -5.12 23.29
C ILE A 331 25.58 -4.37 24.53
N CYS A 332 25.47 -5.00 25.71
CA CYS A 332 26.02 -4.39 26.92
C CYS A 332 27.54 -4.27 26.84
N ARG A 333 28.20 -5.34 26.40
CA ARG A 333 29.65 -5.32 26.25
C ARG A 333 30.11 -4.13 25.41
N ARG A 334 29.43 -3.86 24.29
CA ARG A 334 29.91 -2.87 23.34
C ARG A 334 29.41 -1.46 23.64
N VAL A 335 28.28 -1.31 24.33
CA VAL A 335 27.80 0.03 24.65
C VAL A 335 28.68 0.68 25.72
N LYS A 336 29.44 -0.12 26.47
CA LYS A 336 30.35 0.40 27.48
C LYS A 336 31.62 0.99 26.89
N ASP A 337 31.92 0.68 25.62
CA ASP A 337 33.03 1.27 24.89
C ASP A 337 32.43 2.20 23.83
N LEU A 338 32.10 3.42 24.25
CA LEU A 338 31.60 4.46 23.33
C LEU A 338 32.62 4.75 22.22
N ARG B 15 -14.72 -8.18 -39.70
CA ARG B 15 -14.04 -7.01 -39.14
C ARG B 15 -14.81 -6.42 -37.96
N HIS B 16 -14.11 -6.22 -36.84
CA HIS B 16 -14.69 -5.70 -35.61
C HIS B 16 -14.43 -4.22 -35.48
N THR B 17 -15.35 -3.51 -34.82
CA THR B 17 -15.21 -2.08 -34.56
C THR B 17 -15.08 -1.86 -33.06
N VAL B 18 -13.94 -1.30 -32.65
CA VAL B 18 -13.55 -1.15 -31.27
C VAL B 18 -13.51 0.34 -30.94
N THR B 19 -14.06 0.72 -29.79
CA THR B 19 -13.90 2.10 -29.34
C THR B 19 -12.48 2.31 -28.81
N MET B 20 -11.85 3.44 -29.15
CA MET B 20 -10.51 3.74 -28.67
C MET B 20 -10.54 5.11 -28.02
N ILE B 21 -10.23 5.17 -26.72
CA ILE B 21 -10.15 6.46 -26.05
C ILE B 21 -8.67 6.76 -25.78
N PRO B 22 -8.07 7.70 -26.51
CA PRO B 22 -6.61 7.87 -26.41
C PRO B 22 -6.13 8.30 -25.03
N GLY B 23 -6.89 9.16 -24.35
CA GLY B 23 -6.52 9.57 -23.00
C GLY B 23 -5.45 10.65 -23.01
N ASP B 24 -4.85 10.87 -21.84
CA ASP B 24 -3.85 11.90 -21.65
C ASP B 24 -2.47 11.28 -21.54
N GLY B 25 -1.46 12.11 -21.25
CA GLY B 25 -0.10 11.61 -21.13
C GLY B 25 0.42 10.80 -22.30
N ILE B 26 0.97 9.62 -22.00
CA ILE B 26 1.52 8.70 -23.01
C ILE B 26 0.44 7.98 -23.80
N GLY B 27 -0.83 8.12 -23.41
CA GLY B 27 -1.93 7.47 -24.11
C GLY B 27 -1.95 7.71 -25.63
N PRO B 28 -2.05 8.97 -26.06
CA PRO B 28 -2.10 9.22 -27.53
C PRO B 28 -0.96 8.59 -28.28
N GLU B 29 0.32 8.87 -27.92
CA GLU B 29 1.45 8.31 -28.65
C GLU B 29 1.42 6.79 -28.69
N LEU B 30 0.99 6.15 -27.59
CA LEU B 30 1.01 4.70 -27.55
C LEU B 30 -0.13 4.09 -28.35
N MET B 31 -1.24 4.81 -28.53
CA MET B 31 -2.29 4.29 -29.42
C MET B 31 -1.79 4.23 -30.85
N LEU B 32 -0.95 5.18 -31.28
CA LEU B 32 -0.43 5.13 -32.65
C LEU B 32 0.34 3.85 -32.89
N HIS B 33 1.23 3.48 -31.95
CA HIS B 33 1.96 2.22 -32.13
C HIS B 33 1.00 1.03 -32.09
N VAL B 34 -0.13 1.14 -31.39
CA VAL B 34 -1.09 0.02 -31.41
C VAL B 34 -1.64 -0.14 -32.82
N LYS B 35 -2.11 0.96 -33.43
CA LYS B 35 -2.56 0.92 -34.82
C LYS B 35 -1.48 0.38 -35.76
N SER B 36 -0.27 0.89 -35.59
CA SER B 36 0.84 0.47 -36.45
C SER B 36 1.10 -1.04 -36.34
N VAL B 37 1.10 -1.57 -35.11
CA VAL B 37 1.32 -3.01 -34.91
C VAL B 37 0.16 -3.83 -35.47
N PHE B 38 -1.07 -3.33 -35.31
CA PHE B 38 -2.22 -4.05 -35.86
C PHE B 38 -2.17 -4.08 -37.40
N ARG B 39 -1.68 -3.00 -38.03
CA ARG B 39 -1.56 -2.98 -39.49
C ARG B 39 -0.60 -4.06 -39.97
N HIS B 40 0.63 -4.06 -39.45
CA HIS B 40 1.61 -5.07 -39.86
C HIS B 40 1.11 -6.49 -39.65
N ALA B 41 0.33 -6.73 -38.59
CA ALA B 41 -0.25 -8.05 -38.36
C ALA B 41 -1.57 -8.25 -39.11
N CYS B 42 -2.05 -7.23 -39.81
CA CYS B 42 -3.31 -7.33 -40.56
C CYS B 42 -4.45 -7.80 -39.66
N VAL B 43 -4.59 -7.13 -38.51
CA VAL B 43 -5.68 -7.45 -37.59
C VAL B 43 -6.99 -6.89 -38.16
N PRO B 44 -8.08 -7.70 -38.22
CA PRO B 44 -9.37 -7.20 -38.73
C PRO B 44 -10.14 -6.40 -37.68
N VAL B 45 -9.60 -5.23 -37.35
CA VAL B 45 -10.16 -4.38 -36.30
C VAL B 45 -10.06 -2.94 -36.76
N ASP B 46 -11.18 -2.22 -36.69
CA ASP B 46 -11.20 -0.82 -37.04
C ASP B 46 -11.48 0.00 -35.78
N PHE B 47 -10.54 0.88 -35.45
CA PHE B 47 -10.67 1.74 -34.27
C PHE B 47 -11.55 2.94 -34.56
N GLU B 48 -12.50 3.18 -33.70
CA GLU B 48 -13.43 4.30 -33.78
C GLU B 48 -13.14 5.21 -32.58
N GLU B 49 -12.38 6.28 -32.81
CA GLU B 49 -11.82 7.07 -31.72
C GLU B 49 -12.87 8.01 -31.12
N VAL B 50 -12.84 8.13 -29.80
CA VAL B 50 -13.59 9.14 -29.08
C VAL B 50 -12.61 9.80 -28.12
N HIS B 51 -12.77 11.10 -27.93
CA HIS B 51 -11.84 11.86 -27.11
C HIS B 51 -12.58 12.41 -25.91
N VAL B 52 -11.82 12.64 -24.84
CA VAL B 52 -12.38 13.16 -23.60
C VAL B 52 -11.51 14.32 -23.14
N SER B 53 -12.09 15.50 -23.06
CA SER B 53 -11.37 16.72 -22.72
C SER B 53 -11.28 16.90 -21.21
N SER B 54 -10.68 18.02 -20.83
CA SER B 54 -10.65 18.49 -19.45
C SER B 54 -11.95 19.14 -19.02
N ASN B 55 -12.87 19.40 -19.95
CA ASN B 55 -14.05 20.20 -19.69
C ASN B 55 -14.87 19.62 -18.55
N ALA B 56 -15.28 20.49 -17.62
CA ALA B 56 -16.11 20.06 -16.50
C ALA B 56 -17.41 19.46 -16.99
N ASP B 57 -17.86 19.85 -18.18
CA ASP B 57 -19.05 19.25 -18.78
C ASP B 57 -18.82 17.77 -19.05
N GLU B 58 -19.89 16.99 -18.98
CA GLU B 58 -19.81 15.54 -19.06
C GLU B 58 -20.20 15.00 -20.43
N GLU B 59 -20.39 15.86 -21.43
CA GLU B 59 -20.88 15.37 -22.72
C GLU B 59 -19.85 14.48 -23.40
N ASP B 60 -18.56 14.83 -23.27
CA ASP B 60 -17.50 13.97 -23.81
C ASP B 60 -17.58 12.56 -23.21
N ILE B 61 -17.49 12.48 -21.87
CA ILE B 61 -17.45 11.17 -21.21
C ILE B 61 -18.73 10.39 -21.50
N ARG B 62 -19.87 11.09 -21.62
CA ARG B 62 -21.13 10.40 -21.87
C ARG B 62 -21.19 9.82 -23.27
N ASN B 63 -20.62 10.51 -24.27
CA ASN B 63 -20.65 9.94 -25.62
C ASN B 63 -19.58 8.87 -25.81
N ALA B 64 -18.46 8.96 -25.07
CA ALA B 64 -17.59 7.79 -24.99
C ALA B 64 -18.35 6.58 -24.42
N ILE B 65 -19.19 6.79 -23.39
CA ILE B 65 -19.95 5.67 -22.85
C ILE B 65 -20.85 5.08 -23.94
N MET B 66 -21.60 5.94 -24.62
CA MET B 66 -22.55 5.41 -25.59
C MET B 66 -21.85 4.69 -26.73
N ALA B 67 -20.65 5.12 -27.10
CA ALA B 67 -19.90 4.41 -28.12
C ALA B 67 -19.51 3.01 -27.63
N ILE B 68 -19.12 2.90 -26.36
CA ILE B 68 -18.78 1.57 -25.84
C ILE B 68 -20.03 0.69 -25.78
N ARG B 69 -21.18 1.27 -25.41
CA ARG B 69 -22.44 0.53 -25.51
C ARG B 69 -22.65 0.00 -26.92
N ARG B 70 -22.42 0.85 -27.92
CA ARG B 70 -22.52 0.43 -29.31
C ARG B 70 -21.51 -0.65 -29.64
N ASN B 71 -20.26 -0.44 -29.26
CA ASN B 71 -19.22 -1.33 -29.76
C ASN B 71 -18.93 -2.51 -28.87
N ARG B 72 -19.24 -2.39 -27.57
CA ARG B 72 -19.12 -3.45 -26.57
C ARG B 72 -17.69 -3.66 -26.12
N VAL B 73 -16.71 -3.19 -26.90
CA VAL B 73 -15.30 -3.37 -26.59
C VAL B 73 -14.55 -2.07 -26.82
N ALA B 74 -13.63 -1.75 -25.92
CA ALA B 74 -12.88 -0.51 -26.02
C ALA B 74 -11.46 -0.75 -25.49
N LEU B 75 -10.54 0.07 -25.99
CA LEU B 75 -9.18 0.12 -25.49
C LEU B 75 -8.90 1.59 -25.16
N LYS B 76 -8.41 1.87 -23.95
CA LYS B 76 -8.32 3.26 -23.49
C LYS B 76 -7.01 3.55 -22.77
N GLY B 77 -6.49 4.77 -22.99
CA GLY B 77 -5.51 5.38 -22.12
C GLY B 77 -6.16 5.96 -20.87
N ASN B 78 -5.35 6.63 -20.06
CA ASN B 78 -5.82 7.13 -18.79
C ASN B 78 -6.20 8.60 -18.90
N ILE B 79 -7.44 8.92 -18.55
CA ILE B 79 -7.88 10.31 -18.49
C ILE B 79 -7.35 10.91 -17.20
N GLU B 80 -6.68 12.06 -17.30
CA GLU B 80 -6.13 12.70 -16.12
C GLU B 80 -7.26 13.27 -15.28
N THR B 81 -7.09 13.21 -13.97
CA THR B 81 -8.04 13.78 -13.01
C THR B 81 -7.36 14.92 -12.28
N ASN B 82 -7.96 16.10 -12.34
CA ASN B 82 -7.44 17.26 -11.62
C ASN B 82 -8.08 17.29 -10.25
N HIS B 83 -7.31 16.90 -9.24
CA HIS B 83 -7.82 16.86 -7.88
C HIS B 83 -7.85 18.22 -7.21
N ASN B 84 -7.66 19.31 -7.95
CA ASN B 84 -7.83 20.65 -7.41
C ASN B 84 -9.19 21.25 -7.75
N LEU B 85 -9.95 20.60 -8.62
CA LEU B 85 -11.27 21.06 -9.01
C LEU B 85 -12.33 20.58 -8.02
N PRO B 86 -13.55 21.12 -8.07
CA PRO B 86 -14.54 20.81 -7.02
C PRO B 86 -15.03 19.37 -7.07
N PRO B 87 -15.59 18.86 -5.97
CA PRO B 87 -16.03 17.46 -5.94
C PRO B 87 -17.08 17.12 -6.98
N SER B 88 -17.88 18.11 -7.42
CA SER B 88 -18.79 17.89 -8.53
C SER B 88 -18.04 17.40 -9.78
N HIS B 89 -16.78 17.82 -9.96
CA HIS B 89 -15.99 17.38 -11.11
C HIS B 89 -15.34 16.04 -10.77
N LYS B 90 -16.03 14.96 -11.12
CA LYS B 90 -15.56 13.64 -10.73
C LYS B 90 -14.70 12.99 -11.79
N SER B 91 -13.89 12.04 -11.36
CA SER B 91 -12.97 11.38 -12.27
C SER B 91 -13.74 10.64 -13.36
N ARG B 92 -13.40 10.97 -14.61
CA ARG B 92 -14.00 10.38 -15.80
C ARG B 92 -13.67 8.89 -15.92
N ASN B 93 -12.49 8.46 -15.46
CA ASN B 93 -12.19 7.04 -15.52
C ASN B 93 -13.17 6.26 -14.66
N ASN B 94 -13.48 6.80 -13.48
CA ASN B 94 -14.47 6.20 -12.60
C ASN B 94 -15.85 6.25 -13.23
N ILE B 95 -16.22 7.41 -13.81
CA ILE B 95 -17.55 7.53 -14.43
C ILE B 95 -17.75 6.47 -15.49
N LEU B 96 -16.73 6.25 -16.31
CA LEU B 96 -16.79 5.21 -17.33
C LEU B 96 -16.99 3.84 -16.69
N ARG B 97 -16.14 3.53 -15.72
CA ARG B 97 -16.14 2.25 -15.03
C ARG B 97 -17.52 1.94 -14.45
N THR B 98 -18.13 2.90 -13.76
CA THR B 98 -19.37 2.65 -13.06
C THR B 98 -20.58 2.76 -14.01
N SER B 99 -20.65 3.81 -14.83
CA SER B 99 -21.71 3.91 -15.84
C SER B 99 -21.88 2.61 -16.61
N LEU B 100 -20.77 2.03 -17.03
CA LEU B 100 -20.80 0.83 -17.84
C LEU B 100 -20.84 -0.43 -17.00
N ASP B 101 -20.74 -0.29 -15.67
CA ASP B 101 -20.78 -1.42 -14.72
C ASP B 101 -19.81 -2.52 -15.10
N LEU B 102 -18.53 -2.15 -15.26
CA LEU B 102 -17.48 -3.12 -15.52
C LEU B 102 -16.95 -3.52 -14.15
N TYR B 103 -17.60 -4.51 -13.54
CA TYR B 103 -17.42 -4.76 -12.10
C TYR B 103 -16.10 -5.44 -11.75
N ALA B 104 -15.43 -6.13 -12.70
CA ALA B 104 -14.22 -6.88 -12.42
C ALA B 104 -13.01 -6.23 -13.08
N ASN B 105 -12.12 -5.66 -12.27
CA ASN B 105 -10.79 -5.26 -12.70
C ASN B 105 -9.86 -6.44 -12.53
N VAL B 106 -9.35 -7.00 -13.62
CA VAL B 106 -8.46 -8.15 -13.60
C VAL B 106 -7.09 -7.72 -14.11
N ILE B 107 -6.04 -8.05 -13.38
CA ILE B 107 -4.68 -7.90 -13.90
C ILE B 107 -3.89 -9.13 -13.51
N HIS B 108 -2.88 -9.45 -14.33
CA HIS B 108 -2.10 -10.67 -14.19
C HIS B 108 -0.62 -10.30 -14.10
N CYS B 109 -0.05 -10.25 -12.88
CA CYS B 109 1.37 -9.95 -12.71
C CYS B 109 2.17 -11.24 -12.69
N LYS B 110 3.06 -11.40 -13.65
CA LYS B 110 3.90 -12.56 -13.79
C LYS B 110 5.33 -12.10 -14.07
N SER B 111 6.28 -12.74 -13.42
CA SER B 111 7.67 -12.34 -13.59
C SER B 111 8.09 -12.54 -15.04
N LEU B 112 8.69 -11.51 -15.60
CA LEU B 112 9.15 -11.58 -16.98
C LEU B 112 10.61 -12.01 -16.98
N PRO B 113 10.96 -13.13 -17.64
CA PRO B 113 12.34 -13.63 -17.51
C PRO B 113 13.38 -12.65 -18.00
N GLY B 114 13.01 -11.74 -18.90
CA GLY B 114 13.94 -10.72 -19.36
C GLY B 114 14.06 -9.51 -18.47
N VAL B 115 13.13 -9.30 -17.56
CA VAL B 115 13.16 -8.13 -16.69
C VAL B 115 13.51 -8.63 -15.29
N VAL B 116 14.75 -8.43 -14.87
CA VAL B 116 15.20 -8.94 -13.58
C VAL B 116 15.00 -7.87 -12.53
N THR B 117 14.21 -8.21 -11.51
CA THR B 117 13.91 -7.36 -10.37
C THR B 117 14.39 -8.06 -9.10
N ARG B 118 13.97 -7.53 -7.95
CA ARG B 118 14.35 -8.16 -6.69
C ARG B 118 13.68 -9.51 -6.48
N HIS B 119 12.48 -9.72 -7.02
CA HIS B 119 11.74 -10.94 -6.75
C HIS B 119 11.47 -11.69 -8.05
N LYS B 120 11.72 -13.00 -8.03
CA LYS B 120 11.44 -13.93 -9.12
C LYS B 120 10.22 -14.79 -8.77
N ASP B 121 9.75 -15.54 -9.77
CA ASP B 121 8.71 -16.57 -9.61
C ASP B 121 7.38 -15.99 -9.11
N ILE B 122 7.02 -14.83 -9.60
CA ILE B 122 5.75 -14.20 -9.25
C ILE B 122 4.72 -14.56 -10.31
N ASP B 123 3.56 -15.06 -9.89
CA ASP B 123 2.47 -15.37 -10.83
C ASP B 123 1.16 -15.16 -10.06
N ILE B 124 0.62 -13.95 -10.14
CA ILE B 124 -0.50 -13.52 -9.33
C ILE B 124 -1.58 -12.96 -10.25
N LEU B 125 -2.75 -13.61 -10.27
CA LEU B 125 -3.98 -13.02 -10.79
C LEU B 125 -4.66 -12.23 -9.68
N ILE B 126 -4.94 -10.95 -9.92
CA ILE B 126 -5.66 -10.10 -8.97
C ILE B 126 -7.02 -9.78 -9.56
N VAL B 127 -8.08 -10.03 -8.79
CA VAL B 127 -9.45 -9.71 -9.20
C VAL B 127 -9.98 -8.61 -8.28
N ARG B 128 -10.29 -7.44 -8.84
CA ARG B 128 -10.63 -6.30 -8.00
C ARG B 128 -12.02 -5.76 -8.32
N GLU B 129 -12.89 -5.72 -7.31
CA GLU B 129 -14.21 -5.10 -7.43
C GLU B 129 -14.03 -3.67 -7.89
N ASN B 130 -14.75 -3.28 -8.93
CA ASN B 130 -14.35 -2.13 -9.72
C ASN B 130 -15.37 -1.00 -9.77
N THR B 131 -16.48 -1.13 -9.06
CA THR B 131 -17.59 -0.18 -9.17
C THR B 131 -18.06 0.39 -7.85
N GLU B 132 -17.64 -0.17 -6.73
CA GLU B 132 -18.27 0.05 -5.43
C GLU B 132 -17.20 0.59 -4.49
N GLY B 133 -17.45 0.48 -3.19
CA GLY B 133 -16.36 0.71 -2.26
C GLY B 133 -16.18 2.18 -1.94
N GLU B 134 -14.94 2.57 -1.69
CA GLU B 134 -14.62 3.98 -1.47
C GLU B 134 -14.54 4.78 -2.77
N TYR B 135 -14.97 4.19 -3.88
CA TYR B 135 -15.06 4.89 -5.15
C TYR B 135 -16.50 5.33 -5.47
N SER B 136 -17.40 5.21 -4.49
CA SER B 136 -18.82 5.55 -4.64
C SER B 136 -19.07 7.03 -4.80
N SER B 137 -18.07 7.87 -4.56
CA SER B 137 -18.19 9.33 -4.64
C SER B 137 -19.42 9.85 -3.91
N LEU B 138 -19.52 9.51 -2.64
CA LEU B 138 -20.56 10.04 -1.76
C LEU B 138 -19.90 10.75 -0.60
N GLU B 139 -19.91 12.08 -0.62
CA GLU B 139 -19.30 12.86 0.44
C GLU B 139 -20.18 14.05 0.76
N HIS B 140 -19.98 14.60 1.94
CA HIS B 140 -20.69 15.81 2.34
C HIS B 140 -19.95 16.43 3.51
N GLU B 141 -20.16 17.74 3.66
CA GLU B 141 -19.65 18.51 4.79
C GLU B 141 -20.86 18.82 5.66
N SER B 142 -20.98 18.11 6.79
CA SER B 142 -22.13 18.33 7.67
C SER B 142 -22.03 19.70 8.34
N VAL B 143 -20.90 19.98 8.99
CA VAL B 143 -20.59 21.32 9.48
C VAL B 143 -19.16 21.65 9.06
N ALA B 144 -18.90 22.95 8.95
CA ALA B 144 -17.61 23.51 8.54
C ALA B 144 -16.44 22.75 9.13
N GLY B 145 -15.63 22.15 8.28
CA GLY B 145 -14.45 21.44 8.73
C GLY B 145 -14.67 19.99 9.10
N VAL B 146 -15.81 19.41 8.74
CA VAL B 146 -16.15 18.04 9.13
C VAL B 146 -16.74 17.36 7.90
N VAL B 147 -15.99 16.45 7.31
CA VAL B 147 -16.32 15.83 6.04
C VAL B 147 -16.54 14.35 6.27
N GLU B 148 -17.63 13.83 5.73
CA GLU B 148 -17.96 12.41 5.75
C GLU B 148 -17.92 11.85 4.34
N SER B 149 -17.39 10.65 4.20
CA SER B 149 -17.36 9.94 2.93
C SER B 149 -17.81 8.50 3.19
N LEU B 150 -18.73 8.01 2.36
CA LEU B 150 -19.43 6.75 2.59
C LEU B 150 -18.89 5.67 1.66
N LYS B 151 -17.94 4.87 2.16
CA LYS B 151 -17.62 3.62 1.47
C LYS B 151 -18.83 2.70 1.47
N ILE B 152 -19.18 2.16 0.30
CA ILE B 152 -20.37 1.33 0.10
C ILE B 152 -19.93 -0.08 -0.23
N ILE B 153 -20.31 -1.05 0.59
CA ILE B 153 -20.14 -2.46 0.27
C ILE B 153 -21.51 -3.09 0.18
N THR B 154 -21.79 -3.83 -0.89
CA THR B 154 -23.05 -4.54 -0.98
C THR B 154 -22.82 -6.04 -1.18
N LYS B 155 -23.89 -6.78 -0.91
CA LYS B 155 -23.86 -8.24 -1.06
C LYS B 155 -23.82 -8.61 -2.53
N ALA B 156 -24.73 -8.06 -3.33
CA ALA B 156 -24.79 -8.42 -4.74
C ALA B 156 -23.46 -8.16 -5.46
N LYS B 157 -22.79 -7.07 -5.12
CA LYS B 157 -21.53 -6.81 -5.79
C LYS B 157 -20.38 -7.62 -5.20
N SER B 158 -20.43 -7.91 -3.89
CA SER B 158 -19.39 -8.76 -3.32
C SER B 158 -19.54 -10.20 -3.80
N LEU B 159 -20.77 -10.71 -3.84
CA LEU B 159 -21.01 -12.01 -4.45
C LEU B 159 -20.50 -12.02 -5.89
N ARG B 160 -20.92 -11.04 -6.69
CA ARG B 160 -20.53 -10.97 -8.10
C ARG B 160 -19.02 -11.08 -8.29
N ILE B 161 -18.25 -10.25 -7.56
CA ILE B 161 -16.81 -10.25 -7.76
C ILE B 161 -16.20 -11.57 -7.30
N ALA B 162 -16.71 -12.12 -6.20
CA ALA B 162 -16.23 -13.39 -5.68
C ALA B 162 -16.49 -14.53 -6.64
N GLU B 163 -17.68 -14.54 -7.27
CA GLU B 163 -17.98 -15.52 -8.30
C GLU B 163 -16.93 -15.47 -9.40
N TYR B 164 -16.64 -14.26 -9.86
CA TYR B 164 -15.70 -14.09 -10.95
C TYR B 164 -14.32 -14.62 -10.58
N ALA B 165 -13.79 -14.20 -9.44
CA ALA B 165 -12.46 -14.67 -9.04
C ALA B 165 -12.40 -16.19 -8.96
N PHE B 166 -13.47 -16.83 -8.46
CA PHE B 166 -13.44 -18.28 -8.31
C PHE B 166 -13.58 -18.98 -9.64
N LYS B 167 -14.47 -18.47 -10.50
CA LYS B 167 -14.60 -19.05 -11.83
C LYS B 167 -13.28 -18.90 -12.58
N LEU B 168 -12.67 -17.73 -12.49
CA LEU B 168 -11.35 -17.52 -13.07
C LEU B 168 -10.36 -18.55 -12.54
N ALA B 169 -10.33 -18.71 -11.21
CA ALA B 169 -9.34 -19.58 -10.60
C ALA B 169 -9.45 -21.00 -11.15
N GLN B 170 -10.69 -21.45 -11.38
CA GLN B 170 -10.88 -22.80 -11.86
C GLN B 170 -10.56 -22.93 -13.34
N GLU B 171 -11.12 -22.04 -14.16
CA GLU B 171 -10.95 -22.13 -15.61
C GLU B 171 -9.49 -21.98 -16.03
N SER B 172 -8.70 -21.23 -15.29
CA SER B 172 -7.29 -21.13 -15.60
C SER B 172 -6.44 -22.08 -14.76
N GLY B 173 -7.08 -23.06 -14.12
CA GLY B 173 -6.37 -24.11 -13.39
C GLY B 173 -5.55 -23.61 -12.21
N ARG B 174 -5.96 -22.52 -11.57
CA ARG B 174 -5.30 -22.14 -10.34
C ARG B 174 -5.86 -22.98 -9.18
N LYS B 175 -5.35 -22.69 -7.99
CA LYS B 175 -5.61 -23.56 -6.85
C LYS B 175 -5.92 -22.82 -5.56
N LYS B 176 -5.60 -21.53 -5.43
CA LYS B 176 -5.88 -20.84 -4.18
C LYS B 176 -6.37 -19.44 -4.47
N VAL B 177 -7.51 -19.08 -3.86
CA VAL B 177 -8.02 -17.71 -3.84
C VAL B 177 -7.80 -17.16 -2.44
N THR B 178 -7.27 -15.94 -2.34
CA THR B 178 -7.06 -15.26 -1.07
C THR B 178 -7.88 -13.98 -1.07
N ALA B 179 -8.87 -13.90 -0.16
CA ALA B 179 -9.63 -12.67 0.02
C ALA B 179 -8.83 -11.69 0.86
N VAL B 180 -8.75 -10.44 0.41
CA VAL B 180 -7.97 -9.40 1.07
C VAL B 180 -8.94 -8.34 1.57
N HIS B 181 -8.76 -7.91 2.82
CA HIS B 181 -9.85 -7.22 3.51
C HIS B 181 -9.32 -6.51 4.75
N LYS B 182 -10.14 -5.63 5.32
CA LYS B 182 -9.91 -5.12 6.67
C LYS B 182 -11.09 -5.43 7.60
N ALA B 183 -11.60 -6.66 7.56
CA ALA B 183 -12.83 -6.95 8.32
C ALA B 183 -12.67 -6.85 9.84
N ASN B 184 -11.45 -7.01 10.36
CA ASN B 184 -11.24 -6.89 11.80
C ASN B 184 -11.45 -5.47 12.31
N ILE B 185 -11.44 -4.46 11.44
CA ILE B 185 -11.73 -3.09 11.83
C ILE B 185 -12.94 -2.52 11.10
N MET B 186 -13.08 -2.81 9.82
CA MET B 186 -14.31 -2.49 9.09
C MET B 186 -15.23 -3.70 9.19
N LYS B 187 -15.80 -3.86 10.38
CA LYS B 187 -16.47 -5.11 10.74
C LYS B 187 -17.69 -5.38 9.86
N LEU B 188 -18.59 -4.41 9.73
CA LEU B 188 -19.78 -4.62 8.91
C LEU B 188 -19.44 -4.64 7.40
N GLY B 189 -18.85 -3.55 6.90
CA GLY B 189 -18.55 -3.46 5.47
C GLY B 189 -17.64 -4.57 4.96
N ASP B 190 -16.41 -4.60 5.47
CA ASP B 190 -15.46 -5.60 5.00
C ASP B 190 -15.89 -6.99 5.41
N GLY B 191 -16.55 -7.12 6.57
CA GLY B 191 -17.14 -8.41 6.97
C GLY B 191 -18.10 -8.95 5.93
N LEU B 192 -19.04 -8.11 5.48
CA LEU B 192 -19.98 -8.54 4.44
C LEU B 192 -19.24 -9.04 3.21
N PHE B 193 -18.23 -8.30 2.74
CA PHE B 193 -17.46 -8.75 1.57
C PHE B 193 -16.81 -10.11 1.82
N LEU B 194 -16.08 -10.24 2.92
CA LEU B 194 -15.46 -11.52 3.26
C LEU B 194 -16.48 -12.65 3.27
N GLN B 195 -17.69 -12.40 3.78
CA GLN B 195 -18.67 -13.48 3.90
C GLN B 195 -19.25 -13.87 2.56
N CYS B 196 -19.41 -12.92 1.64
CA CYS B 196 -19.81 -13.25 0.28
C CYS B 196 -18.78 -14.16 -0.39
N CYS B 197 -17.49 -13.89 -0.16
CA CYS B 197 -16.43 -14.77 -0.65
C CYS B 197 -16.56 -16.17 -0.09
N ARG B 198 -16.76 -16.26 1.24
CA ARG B 198 -16.90 -17.55 1.90
C ARG B 198 -18.05 -18.36 1.30
N GLU B 199 -19.20 -17.73 1.09
CA GLU B 199 -20.31 -18.41 0.44
C GLU B 199 -19.89 -19.02 -0.88
N VAL B 200 -19.30 -18.21 -1.79
CA VAL B 200 -18.82 -18.74 -3.07
C VAL B 200 -17.83 -19.88 -2.83
N ALA B 201 -16.88 -19.68 -1.89
CA ALA B 201 -15.89 -20.71 -1.62
C ALA B 201 -16.52 -22.07 -1.44
N ALA B 202 -17.69 -22.11 -0.79
CA ALA B 202 -18.36 -23.37 -0.48
C ALA B 202 -18.94 -24.04 -1.72
N ARG B 203 -19.03 -23.32 -2.84
CA ARG B 203 -19.42 -23.90 -4.11
C ARG B 203 -18.23 -24.33 -4.94
N TYR B 204 -17.01 -24.01 -4.50
CA TYR B 204 -15.79 -24.45 -5.18
C TYR B 204 -14.92 -25.18 -4.17
N PRO B 205 -15.37 -26.34 -3.69
CA PRO B 205 -14.58 -27.08 -2.69
C PRO B 205 -13.19 -27.45 -3.16
N GLN B 206 -12.96 -27.50 -4.48
CA GLN B 206 -11.67 -27.89 -5.01
C GLN B 206 -10.64 -26.77 -4.98
N ILE B 207 -11.04 -25.55 -4.61
CA ILE B 207 -10.14 -24.40 -4.61
C ILE B 207 -9.89 -24.02 -3.17
N THR B 208 -8.63 -24.02 -2.74
CA THR B 208 -8.28 -23.52 -1.42
C THR B 208 -8.72 -22.08 -1.25
N PHE B 209 -9.44 -21.79 -0.17
CA PHE B 209 -9.84 -20.42 0.16
C PHE B 209 -9.12 -19.96 1.40
N GLU B 210 -8.41 -18.85 1.29
CA GLU B 210 -7.78 -18.25 2.45
C GLU B 210 -8.22 -16.80 2.53
N ASN B 211 -7.71 -16.07 3.51
CA ASN B 211 -7.95 -14.64 3.61
C ASN B 211 -6.82 -14.02 4.42
N MET B 212 -6.65 -12.71 4.24
CA MET B 212 -5.51 -12.00 4.80
C MET B 212 -5.89 -10.52 4.91
N ILE B 213 -5.32 -9.86 5.92
CA ILE B 213 -5.62 -8.46 6.18
C ILE B 213 -4.75 -7.61 5.26
N VAL B 214 -5.30 -6.48 4.80
CA VAL B 214 -4.61 -5.81 3.70
C VAL B 214 -3.23 -5.32 4.12
N ASP B 215 -3.05 -4.87 5.37
CA ASP B 215 -1.72 -4.48 5.87
C ASP B 215 -0.73 -5.61 5.70
N ASN B 216 -1.02 -6.75 6.30
CA ASN B 216 -0.12 -7.89 6.29
C ASN B 216 0.08 -8.41 4.89
N THR B 217 -0.87 -8.17 3.98
CA THR B 217 -0.73 -8.60 2.60
C THR B 217 0.40 -7.84 1.91
N THR B 218 0.41 -6.51 2.07
CA THR B 218 1.51 -5.73 1.53
C THR B 218 2.84 -6.15 2.12
N MET B 219 2.84 -6.54 3.40
CA MET B 219 4.08 -7.02 3.99
C MET B 219 4.52 -8.33 3.37
N GLN B 220 3.58 -9.24 3.13
CA GLN B 220 3.95 -10.49 2.51
C GLN B 220 4.37 -10.29 1.06
N LEU B 221 3.81 -9.29 0.38
CA LEU B 221 4.14 -9.10 -1.04
C LEU B 221 5.59 -8.66 -1.20
N VAL B 222 6.05 -7.72 -0.37
CA VAL B 222 7.42 -7.23 -0.46
C VAL B 222 8.46 -8.19 0.10
N SER B 223 8.06 -9.38 0.54
CA SER B 223 9.04 -10.33 1.05
C SER B 223 8.88 -11.70 0.40
N ARG B 224 7.66 -12.22 0.41
CA ARG B 224 7.38 -13.56 -0.13
C ARG B 224 6.14 -13.51 -1.02
N PRO B 225 6.22 -12.82 -2.17
CA PRO B 225 5.05 -12.72 -3.05
C PRO B 225 4.77 -13.98 -3.83
N GLN B 226 5.64 -14.99 -3.76
CA GLN B 226 5.40 -16.26 -4.42
C GLN B 226 4.27 -17.05 -3.78
N GLN B 227 3.83 -16.67 -2.58
CA GLN B 227 2.80 -17.44 -1.89
C GLN B 227 1.40 -17.15 -2.40
N PHE B 228 1.21 -16.18 -3.28
CA PHE B 228 -0.12 -15.77 -3.70
C PHE B 228 -0.45 -16.32 -5.07
N ASP B 229 -1.70 -16.75 -5.24
CA ASP B 229 -2.13 -17.35 -6.50
C ASP B 229 -3.14 -16.42 -7.17
N VAL B 230 -4.38 -16.46 -6.70
CA VAL B 230 -5.43 -15.55 -7.14
C VAL B 230 -5.85 -14.73 -5.92
N MET B 231 -6.12 -13.46 -6.13
CA MET B 231 -6.47 -12.58 -5.03
C MET B 231 -7.72 -11.83 -5.41
N VAL B 232 -8.66 -11.68 -4.48
CA VAL B 232 -9.88 -10.93 -4.77
C VAL B 232 -10.10 -9.96 -3.62
N MET B 233 -10.63 -8.79 -3.91
CA MET B 233 -10.69 -7.76 -2.88
C MET B 233 -11.64 -6.64 -3.29
N PRO B 234 -12.00 -5.75 -2.37
CA PRO B 234 -12.78 -4.56 -2.75
C PRO B 234 -11.86 -3.48 -3.30
N ASN B 235 -12.46 -2.33 -3.61
CA ASN B 235 -11.94 -1.48 -4.67
C ASN B 235 -10.60 -0.82 -4.32
N LEU B 236 -10.51 -0.12 -3.19
CA LEU B 236 -9.26 0.54 -2.81
C LEU B 236 -8.12 -0.46 -2.65
N TYR B 237 -8.36 -1.56 -1.93
CA TYR B 237 -7.27 -2.52 -1.71
C TYR B 237 -6.73 -3.03 -3.03
N GLY B 238 -7.58 -3.11 -4.06
CA GLY B 238 -7.12 -3.46 -5.38
C GLY B 238 -6.20 -2.41 -5.97
N ASN B 239 -6.56 -1.13 -5.82
CA ASN B 239 -5.68 -0.02 -6.19
C ASN B 239 -4.27 -0.22 -5.62
N ILE B 240 -4.20 -0.60 -4.33
CA ILE B 240 -2.92 -0.77 -3.65
C ILE B 240 -2.21 -2.03 -4.16
N VAL B 241 -2.94 -3.15 -4.21
CA VAL B 241 -2.28 -4.41 -4.49
C VAL B 241 -1.85 -4.49 -5.95
N ASN B 242 -2.69 -3.97 -6.87
CA ASN B 242 -2.29 -3.85 -8.27
C ASN B 242 -0.96 -3.12 -8.44
N ASN B 243 -0.84 -1.95 -7.81
CA ASN B 243 0.40 -1.18 -7.91
C ASN B 243 1.57 -1.82 -7.18
N VAL B 244 1.34 -2.47 -6.03
CA VAL B 244 2.44 -3.15 -5.36
C VAL B 244 3.03 -4.22 -6.29
N CYS B 245 2.16 -5.03 -6.92
CA CYS B 245 2.60 -6.17 -7.73
C CYS B 245 3.08 -5.76 -9.10
N ALA B 246 2.51 -4.70 -9.64
CA ALA B 246 3.07 -4.09 -10.84
C ALA B 246 4.54 -3.73 -10.59
N GLY B 247 4.79 -3.00 -9.50
CA GLY B 247 6.16 -2.63 -9.17
C GLY B 247 7.06 -3.82 -8.95
N LEU B 248 6.54 -4.88 -8.31
CA LEU B 248 7.40 -6.01 -7.99
C LEU B 248 7.96 -6.65 -9.26
N VAL B 249 7.16 -6.75 -10.32
CA VAL B 249 7.60 -7.42 -11.54
C VAL B 249 8.29 -6.48 -12.52
N GLY B 250 8.44 -5.20 -12.19
CA GLY B 250 9.15 -4.30 -13.08
C GLY B 250 8.56 -2.92 -13.36
N GLY B 251 7.27 -2.70 -13.12
CA GLY B 251 6.74 -1.36 -13.10
C GLY B 251 5.51 -1.16 -13.96
N PRO B 252 5.13 0.11 -14.15
CA PRO B 252 3.89 0.41 -14.89
C PRO B 252 3.95 0.16 -16.39
N GLY B 253 5.12 -0.01 -16.98
CA GLY B 253 5.09 -0.20 -18.43
C GLY B 253 4.94 -1.64 -18.86
N LEU B 254 4.72 -2.58 -17.92
CA LEU B 254 4.79 -3.99 -18.30
C LEU B 254 3.46 -4.72 -18.26
N VAL B 255 2.55 -4.36 -17.33
CA VAL B 255 1.39 -5.19 -17.00
C VAL B 255 0.13 -4.59 -17.61
N ALA B 256 -0.62 -5.42 -18.34
CA ALA B 256 -1.93 -5.09 -18.88
C ALA B 256 -3.02 -5.26 -17.81
N GLY B 257 -4.10 -4.51 -17.97
CA GLY B 257 -5.29 -4.70 -17.16
C GLY B 257 -6.54 -4.71 -18.01
N ALA B 258 -7.55 -5.45 -17.54
CA ALA B 258 -8.83 -5.55 -18.20
C ALA B 258 -9.96 -5.17 -17.24
N ASN B 259 -11.06 -4.68 -17.80
CA ASN B 259 -12.27 -4.34 -17.04
C ASN B 259 -13.46 -5.04 -17.67
N TYR B 260 -14.08 -5.95 -16.92
CA TYR B 260 -15.14 -6.80 -17.44
C TYR B 260 -16.47 -6.48 -16.78
N GLY B 261 -17.50 -6.30 -17.61
CA GLY B 261 -18.87 -6.32 -17.19
C GLY B 261 -19.53 -7.54 -17.82
N HIS B 262 -20.83 -7.64 -17.62
CA HIS B 262 -21.53 -8.81 -18.14
C HIS B 262 -21.48 -8.83 -19.66
N VAL B 263 -21.58 -7.65 -20.27
CA VAL B 263 -21.61 -7.51 -21.71
C VAL B 263 -20.44 -6.68 -22.24
N TYR B 264 -20.11 -5.57 -21.57
CA TYR B 264 -19.06 -4.67 -22.03
C TYR B 264 -17.66 -5.08 -21.53
N ALA B 265 -16.63 -4.60 -22.22
CA ALA B 265 -15.24 -4.85 -21.84
C ALA B 265 -14.32 -3.74 -22.35
N VAL B 266 -13.41 -3.27 -21.48
CA VAL B 266 -12.54 -2.12 -21.73
C VAL B 266 -11.13 -2.45 -21.23
N PHE B 267 -10.14 -2.28 -22.09
CA PHE B 267 -8.78 -2.73 -21.78
C PHE B 267 -7.83 -1.56 -21.66
N GLU B 268 -6.78 -1.74 -20.86
CA GLU B 268 -5.92 -0.62 -20.52
C GLU B 268 -4.62 -1.15 -19.93
N THR B 269 -3.79 -0.24 -19.41
CA THR B 269 -2.63 -0.63 -18.63
C THR B 269 -3.05 -0.88 -17.18
N ALA B 270 -2.38 -1.83 -16.54
CA ALA B 270 -2.78 -2.26 -15.20
C ALA B 270 -2.73 -1.10 -14.21
N THR B 271 -1.72 -0.24 -14.28
CA THR B 271 -1.52 0.78 -13.25
C THR B 271 -2.31 2.06 -13.48
N ARG B 272 -2.98 2.21 -14.61
CA ARG B 272 -3.89 3.34 -14.82
C ARG B 272 -3.22 4.71 -14.69
N ASN B 273 -2.04 4.86 -15.26
CA ASN B 273 -1.23 6.07 -15.05
C ASN B 273 -1.10 6.84 -16.37
N THR B 274 -1.18 8.17 -16.29
CA THR B 274 -1.14 8.97 -17.51
C THR B 274 0.30 9.19 -17.99
N GLY B 275 1.26 9.14 -17.08
CA GLY B 275 2.66 9.30 -17.40
C GLY B 275 3.01 10.62 -18.04
N LYS B 276 2.39 11.71 -17.60
CA LYS B 276 2.59 12.99 -18.27
C LYS B 276 4.05 13.42 -18.24
N SER B 277 4.79 13.03 -17.21
CA SER B 277 6.18 13.45 -17.09
C SER B 277 7.12 12.75 -18.07
N ILE B 278 6.70 11.66 -18.71
CA ILE B 278 7.51 11.05 -19.76
C ILE B 278 6.86 11.09 -21.12
N ALA B 279 5.65 11.65 -21.24
CA ALA B 279 4.99 11.71 -22.54
C ALA B 279 5.79 12.55 -23.55
N ASN B 280 5.59 12.23 -24.83
CA ASN B 280 6.16 12.95 -25.99
C ASN B 280 7.68 13.09 -25.91
N LYS B 281 8.36 12.03 -25.47
CA LYS B 281 9.81 11.97 -25.56
C LYS B 281 10.27 10.65 -26.16
N ASN B 282 9.37 9.94 -26.83
CA ASN B 282 9.68 8.64 -27.45
C ASN B 282 10.43 7.68 -26.49
N ILE B 283 10.02 7.63 -25.22
CA ILE B 283 10.64 6.73 -24.26
C ILE B 283 9.65 5.84 -23.53
N ALA B 284 8.36 6.01 -23.76
CA ALA B 284 7.38 5.20 -23.04
C ALA B 284 7.55 3.73 -23.41
N ASN B 285 7.33 2.86 -22.43
CA ASN B 285 7.36 1.43 -22.68
C ASN B 285 6.04 1.01 -23.31
N PRO B 286 6.04 0.44 -24.52
CA PRO B 286 4.78 0.04 -25.16
C PRO B 286 4.25 -1.31 -24.70
N THR B 287 4.97 -2.01 -23.83
CA THR B 287 4.61 -3.40 -23.51
C THR B 287 3.23 -3.52 -22.86
N ALA B 288 2.97 -2.73 -21.81
CA ALA B 288 1.67 -2.83 -21.16
C ALA B 288 0.54 -2.54 -22.15
N THR B 289 0.71 -1.53 -22.98
CA THR B 289 -0.37 -1.15 -23.88
C THR B 289 -0.59 -2.22 -24.94
N LEU B 290 0.50 -2.79 -25.45
CA LEU B 290 0.40 -3.85 -26.45
C LEU B 290 -0.25 -5.09 -25.86
N LEU B 291 0.22 -5.53 -24.68
CA LEU B 291 -0.39 -6.70 -24.05
C LEU B 291 -1.87 -6.46 -23.78
N ALA B 292 -2.25 -5.23 -23.40
CA ALA B 292 -3.66 -4.91 -23.24
C ALA B 292 -4.42 -5.11 -24.55
N SER B 293 -3.80 -4.75 -25.70
CA SER B 293 -4.53 -4.89 -26.95
C SER B 293 -4.61 -6.34 -27.44
N CYS B 294 -3.69 -7.21 -27.01
CA CYS B 294 -3.85 -8.64 -27.24
C CYS B 294 -5.00 -9.25 -26.43
N MET B 295 -5.09 -8.91 -25.14
CA MET B 295 -6.24 -9.33 -24.33
C MET B 295 -7.55 -8.91 -24.97
N MET B 296 -7.58 -7.70 -25.52
CA MET B 296 -8.73 -7.26 -26.30
C MET B 296 -8.93 -8.17 -27.50
N LEU B 297 -7.85 -8.64 -28.11
CA LEU B 297 -8.01 -9.52 -29.27
C LEU B 297 -8.53 -10.88 -28.84
N ASP B 298 -8.05 -11.40 -27.71
CA ASP B 298 -8.57 -12.66 -27.19
C ASP B 298 -10.06 -12.54 -26.89
N HIS B 299 -10.44 -11.48 -26.18
CA HIS B 299 -11.85 -11.22 -25.87
C HIS B 299 -12.72 -11.20 -27.13
N LEU B 300 -12.20 -10.65 -28.23
CA LEU B 300 -12.91 -10.63 -29.51
C LEU B 300 -12.84 -11.95 -30.26
N LYS B 301 -12.29 -12.99 -29.62
CA LYS B 301 -12.12 -14.31 -30.21
C LYS B 301 -11.18 -14.30 -31.41
N LEU B 302 -10.27 -13.34 -31.48
CA LEU B 302 -9.25 -13.26 -32.53
C LEU B 302 -7.92 -13.85 -32.06
N HIS B 303 -7.99 -15.08 -31.53
CA HIS B 303 -6.92 -15.62 -30.70
C HIS B 303 -5.60 -15.78 -31.45
N SER B 304 -5.63 -15.99 -32.77
CA SER B 304 -4.38 -16.19 -33.49
C SER B 304 -3.61 -14.90 -33.64
N TYR B 305 -4.32 -13.79 -33.88
CA TYR B 305 -3.67 -12.49 -33.89
C TYR B 305 -3.14 -12.12 -32.52
N ALA B 306 -3.96 -12.32 -31.48
CA ALA B 306 -3.50 -12.04 -30.12
C ALA B 306 -2.19 -12.74 -29.83
N THR B 307 -2.08 -14.02 -30.22
CA THR B 307 -0.89 -14.82 -29.90
C THR B 307 0.33 -14.38 -30.70
N SER B 308 0.15 -14.09 -32.00
CA SER B 308 1.25 -13.57 -32.80
C SER B 308 1.87 -12.36 -32.14
N ILE B 309 1.05 -11.38 -31.77
CA ILE B 309 1.56 -10.11 -31.29
C ILE B 309 2.13 -10.29 -29.89
N ARG B 310 1.48 -11.11 -29.06
CA ARG B 310 1.94 -11.26 -27.68
C ARG B 310 3.30 -11.96 -27.63
N LYS B 311 3.50 -12.98 -28.47
CA LYS B 311 4.81 -13.63 -28.50
C LYS B 311 5.88 -12.66 -29.01
N ALA B 312 5.53 -11.83 -29.99
CA ALA B 312 6.47 -10.82 -30.45
C ALA B 312 6.88 -9.87 -29.32
N VAL B 313 5.88 -9.28 -28.64
CA VAL B 313 6.22 -8.31 -27.60
C VAL B 313 7.03 -8.98 -26.49
N LEU B 314 6.64 -10.20 -26.11
CA LEU B 314 7.34 -10.88 -25.04
C LEU B 314 8.77 -11.21 -25.46
N ALA B 315 8.94 -11.70 -26.69
CA ALA B 315 10.27 -11.97 -27.22
C ALA B 315 11.16 -10.73 -27.14
N SER B 316 10.59 -9.56 -27.39
CA SER B 316 11.40 -8.34 -27.38
C SER B 316 11.87 -8.00 -25.97
N MET B 317 11.01 -8.25 -24.95
CA MET B 317 11.40 -7.97 -23.56
C MET B 317 12.56 -8.85 -23.14
N ASP B 318 12.73 -10.01 -23.77
CA ASP B 318 13.85 -10.88 -23.47
C ASP B 318 15.20 -10.28 -23.85
N ASN B 319 15.21 -9.35 -24.79
CA ASN B 319 16.43 -8.72 -25.29
C ASN B 319 16.67 -7.42 -24.52
N GLU B 320 17.68 -7.44 -23.66
CA GLU B 320 18.00 -6.28 -22.84
C GLU B 320 18.14 -5.02 -23.69
N ASN B 321 18.66 -5.15 -24.92
CA ASN B 321 18.90 -4.01 -25.80
C ASN B 321 17.62 -3.27 -26.18
N MET B 322 16.45 -3.89 -26.05
CA MET B 322 15.19 -3.26 -26.45
C MET B 322 14.54 -2.51 -25.31
N HIS B 323 15.15 -2.49 -24.13
CA HIS B 323 14.46 -2.02 -22.94
C HIS B 323 14.40 -0.50 -22.95
N THR B 324 13.24 0.04 -22.57
CA THR B 324 13.07 1.47 -22.38
C THR B 324 13.62 1.86 -21.01
N PRO B 325 13.71 3.17 -20.73
CA PRO B 325 14.30 3.59 -19.44
C PRO B 325 13.50 3.20 -18.19
N ASP B 326 12.18 2.97 -18.30
CA ASP B 326 11.42 2.54 -17.12
C ASP B 326 11.92 1.22 -16.57
N ILE B 327 12.64 0.43 -17.36
CA ILE B 327 13.10 -0.85 -16.85
C ILE B 327 14.60 -0.96 -17.06
N GLY B 328 15.30 0.14 -16.81
CA GLY B 328 16.75 0.16 -16.80
C GLY B 328 17.43 0.26 -18.14
N GLY B 329 16.69 0.37 -19.25
CA GLY B 329 17.28 0.37 -20.58
C GLY B 329 17.53 1.77 -21.10
N GLN B 330 17.91 1.83 -22.39
CA GLN B 330 18.21 3.10 -23.06
C GLN B 330 17.50 3.30 -24.39
N GLY B 331 16.81 2.29 -24.92
CA GLY B 331 16.14 2.41 -26.20
C GLY B 331 14.87 3.24 -26.16
N THR B 332 14.45 3.66 -27.35
CA THR B 332 13.25 4.46 -27.57
C THR B 332 12.02 3.54 -27.70
N THR B 333 10.83 4.13 -27.55
CA THR B 333 9.60 3.45 -27.95
C THR B 333 9.72 2.89 -29.36
N SER B 334 10.08 3.77 -30.33
CA SER B 334 10.04 3.40 -31.74
C SER B 334 11.00 2.26 -32.04
N GLU B 335 12.16 2.23 -31.38
CA GLU B 335 13.04 1.07 -31.54
C GLU B 335 12.38 -0.22 -31.02
N ALA B 336 11.71 -0.15 -29.86
CA ALA B 336 11.00 -1.33 -29.36
C ALA B 336 9.92 -1.78 -30.34
N ILE B 337 9.04 -0.85 -30.75
CA ILE B 337 8.03 -1.15 -31.76
C ILE B 337 8.66 -1.71 -33.03
N GLN B 338 9.87 -1.26 -33.39
CA GLN B 338 10.56 -1.86 -34.52
C GLN B 338 10.81 -3.34 -34.28
N ASP B 339 11.45 -3.65 -33.15
CA ASP B 339 11.73 -5.04 -32.80
C ASP B 339 10.46 -5.90 -32.76
N VAL B 340 9.37 -5.35 -32.24
CA VAL B 340 8.14 -6.13 -32.17
C VAL B 340 7.65 -6.47 -33.57
N ILE B 341 7.63 -5.47 -34.45
CA ILE B 341 7.18 -5.69 -35.81
C ILE B 341 8.11 -6.64 -36.54
N ARG B 342 9.41 -6.59 -36.26
CA ARG B 342 10.31 -7.56 -36.86
C ARG B 342 9.95 -8.99 -36.47
N HIS B 343 9.41 -9.18 -35.26
CA HIS B 343 9.08 -10.53 -34.82
C HIS B 343 7.76 -11.02 -35.39
N ILE B 344 6.84 -10.10 -35.71
CA ILE B 344 5.58 -10.47 -36.33
C ILE B 344 5.78 -10.80 -37.80
N ARG B 345 6.52 -9.95 -38.51
CA ARG B 345 6.70 -10.00 -39.95
C ARG B 345 7.28 -11.33 -40.43
N VAL B 346 7.71 -12.17 -39.49
CA VAL B 346 8.15 -13.54 -39.81
C VAL B 346 7.14 -14.59 -39.37
N ILE B 347 6.14 -14.22 -38.56
CA ILE B 347 5.18 -15.22 -38.09
C ILE B 347 4.13 -15.51 -39.17
N ASN B 348 3.74 -14.51 -39.94
CA ASN B 348 2.63 -14.63 -40.87
C ASN B 348 3.06 -14.68 -42.34
N GLY B 349 4.35 -14.56 -42.62
CA GLY B 349 4.82 -14.58 -43.99
C GLY B 349 4.64 -13.23 -44.68
#